data_5O0S
#
_entry.id   5O0S
#
_cell.length_a   178.170
_cell.length_b   53.731
_cell.length_c   83.138
_cell.angle_alpha   90.00
_cell.angle_beta   90.00
_cell.angle_gamma   90.00
#
_symmetry.space_group_name_H-M   'P 21 21 2'
#
loop_
_entity.id
_entity.type
_entity.pdbx_description
1 polymer Glucosylceramidase
2 non-polymer 1,2-ETHANEDIOL
3 non-polymer 'CALCIUM ION'
4 non-polymer (3~{a}~{S},4~{R},5~{S},6~{R},7~{R},7~{a}~{R})-7-(hydroxymethyl)-2,2-bis(oxidanylidene)-3~{a},4,5,6,7,7~{a}-hexahydrobenzo[d][1,3,2]dioxathiole-4,5,6-triol
5 water water
#
_entity_poly.entity_id   1
_entity_poly.type   'polypeptide(L)'
_entity_poly.pdbx_seq_one_letter_code
;MGCSEKININEDKISHKIDIPDSAWTIGIGEKFKNAGHPNVKYPMIDDSYVQGAPLGGFGAGTIGRTYNGGFSRWHLEIG
KNKYTTVYANQFSVFQKVEGNKDGVAQVLYAGEPENGYLSSWKWDYPKESGMYYALYPNSWYTYTNKDLPVQLAVKQFSP
IIPYNYKETSYPVAVFKWTAYNPTNKNVDVSIMFTWQNMIGFFGKQVNVNSGNFNKIIKDKSKDSEIVAAVMGNISNDNE
EWNGEYSIGVKKVPGVDISYKAKFVTTGDGSDLWHEFSKNGILDNKDDETPTKQDGIGSAIAVNFKLQPGQTIEVPFALS
WDLPIMKFGGGDKWYKMYTKYFGKNGKNSFAILKEALNNYQKWEKMIDDWQKPILSNKSKPDWYKTALFNELYYLADGGT
AWENGKVGEKDKRTNNMFGLLECFDYNYYETLDVRFYGSFPLVMLWPDIEKQVMRQFADTINVQDSSEFKVGSNGAMAVK
KVQGMIPHDLGSSYALPWIKINAYDWQNPNIWKDLNSKYVLLVYRDYVLTGKTDKEFLKYTWKSVKTALDKLKEMDKDND
GIPDNEGIPDQTYDTWSMKGTSAYCGSLWLAALKAAQEIGKVLKDNEAYIKYNEWYKIAQQNFEKELWNGEYYNFDTESD
HKDSIMADQLAGQWYADILRLGDILPKDHVQKALKKIYEFNVMKFENGKMGAVNGMRPDGIVDESDIQAQEVWTGVTYAL
ASFMKYRGMTEEAYNTAYGVYKMTYDKSGKGYWFRTPEAWTKDGNYRASMYMRPLSIWSMEVNYNEV
;
_entity_poly.pdbx_strand_id   A
#
# COMPACT_ATOMS: atom_id res chain seq x y z
N ASP A 12 12.68 15.71 -25.69
CA ASP A 12 12.66 15.81 -24.19
C ASP A 12 13.99 16.42 -23.67
N LYS A 13 13.97 17.71 -23.31
CA LYS A 13 15.14 18.49 -22.79
C LYS A 13 15.07 18.71 -21.25
N ILE A 14 13.99 18.26 -20.65
CA ILE A 14 13.67 18.57 -19.25
C ILE A 14 14.18 17.48 -18.33
N SER A 15 14.18 16.23 -18.76
N SER A 15 14.17 16.22 -18.81
CA SER A 15 14.76 15.15 -17.89
CA SER A 15 14.86 15.07 -18.13
C SER A 15 16.25 15.32 -17.54
C SER A 15 16.14 15.49 -17.46
N HIS A 16 16.97 16.16 -18.27
CA HIS A 16 18.33 16.60 -17.89
C HIS A 16 18.30 17.50 -16.64
N LYS A 17 17.27 18.34 -16.50
CA LYS A 17 17.17 19.31 -15.40
C LYS A 17 16.64 18.73 -14.09
N ILE A 18 16.27 17.45 -14.04
CA ILE A 18 15.68 16.87 -12.82
C ILE A 18 16.38 15.56 -12.53
N ASP A 19 15.92 14.85 -11.53
N ASP A 19 16.05 14.84 -11.46
CA ASP A 19 16.68 13.70 -11.10
CA ASP A 19 16.83 13.59 -11.16
C ASP A 19 15.73 12.58 -10.89
C ASP A 19 15.93 12.42 -10.89
N ILE A 20 15.38 11.91 -11.98
CA ILE A 20 14.57 10.69 -11.91
C ILE A 20 15.48 9.45 -11.93
N PRO A 21 15.30 8.52 -10.99
CA PRO A 21 16.13 7.31 -10.95
C PRO A 21 15.82 6.40 -12.16
N ASP A 22 16.83 5.70 -12.67
CA ASP A 22 16.59 4.80 -13.76
C ASP A 22 15.62 3.66 -13.45
N SER A 23 15.49 3.28 -12.17
CA SER A 23 14.57 2.26 -11.77
C SER A 23 13.13 2.73 -11.64
N ALA A 24 12.85 4.01 -11.88
CA ALA A 24 11.45 4.45 -11.85
C ALA A 24 10.63 3.64 -12.84
N TRP A 25 9.41 3.27 -12.45
CA TRP A 25 8.42 2.74 -13.40
C TRP A 25 7.99 3.88 -14.33
N THR A 26 7.81 3.60 -15.62
N THR A 26 7.79 3.56 -15.61
CA THR A 26 7.44 4.66 -16.56
CA THR A 26 7.44 4.56 -16.59
C THR A 26 6.39 4.21 -17.52
C THR A 26 6.25 4.15 -17.41
N ILE A 27 5.54 5.19 -17.87
CA ILE A 27 4.48 5.02 -18.86
C ILE A 27 4.24 6.39 -19.50
N GLY A 28 3.80 6.38 -20.75
CA GLY A 28 3.41 7.61 -21.40
C GLY A 28 2.14 8.23 -20.83
N ILE A 29 2.13 9.55 -20.68
CA ILE A 29 0.89 10.21 -20.29
C ILE A 29 -0.09 10.00 -21.44
N GLY A 30 -1.27 9.49 -21.14
CA GLY A 30 -2.30 9.22 -22.14
C GLY A 30 -2.13 7.85 -22.79
N GLU A 31 -1.14 7.05 -22.36
CA GLU A 31 -0.94 5.79 -23.05
C GLU A 31 -2.17 4.86 -22.80
N LYS A 32 -2.58 4.17 -23.83
CA LYS A 32 -3.62 3.12 -23.74
C LYS A 32 -2.92 1.78 -23.62
N PHE A 33 -3.25 1.01 -22.62
CA PHE A 33 -2.58 -0.26 -22.34
C PHE A 33 -3.50 -1.32 -22.89
N LYS A 34 -2.96 -2.24 -23.66
CA LYS A 34 -3.79 -3.20 -24.36
C LYS A 34 -3.94 -4.56 -23.69
N ASN A 35 -3.06 -4.91 -22.82
CA ASN A 35 -3.24 -6.23 -22.35
C ASN A 35 -4.03 -6.42 -21.02
N ALA A 36 -4.92 -5.53 -20.55
CA ALA A 36 -5.13 -5.51 -19.11
C ALA A 36 -5.90 -6.69 -18.62
N GLY A 37 -5.53 -7.13 -17.43
CA GLY A 37 -6.29 -8.21 -16.78
C GLY A 37 -7.55 -7.72 -16.07
N HIS A 38 -8.43 -8.68 -15.80
CA HIS A 38 -9.68 -8.44 -15.13
C HIS A 38 -9.92 -9.55 -14.12
N PRO A 39 -10.88 -9.38 -13.22
CA PRO A 39 -11.11 -10.43 -12.24
C PRO A 39 -11.49 -11.76 -12.86
N ASN A 40 -11.01 -12.85 -12.26
CA ASN A 40 -11.29 -14.20 -12.75
C ASN A 40 -12.31 -14.97 -11.91
N VAL A 41 -12.98 -14.27 -11.02
CA VAL A 41 -14.01 -14.86 -10.18
C VAL A 41 -15.38 -14.51 -10.78
N LYS A 42 -16.38 -15.29 -10.40
CA LYS A 42 -17.74 -15.03 -10.87
C LYS A 42 -18.43 -13.92 -10.04
N TYR A 43 -18.09 -13.80 -8.77
CA TYR A 43 -18.71 -12.81 -7.89
C TYR A 43 -18.18 -11.37 -8.13
N PRO A 44 -18.97 -10.32 -7.81
CA PRO A 44 -18.46 -8.98 -8.05
C PRO A 44 -17.14 -8.70 -7.32
N MET A 45 -16.23 -8.02 -8.02
CA MET A 45 -14.89 -7.76 -7.51
C MET A 45 -14.38 -6.43 -8.06
N ILE A 46 -13.63 -5.70 -7.27
CA ILE A 46 -13.14 -4.39 -7.70
C ILE A 46 -12.25 -4.50 -8.95
N ASP A 47 -12.49 -3.64 -9.93
CA ASP A 47 -11.61 -3.47 -11.09
C ASP A 47 -11.64 -2.05 -11.48
N ASP A 48 -10.69 -1.28 -11.01
CA ASP A 48 -10.64 0.16 -11.24
C ASP A 48 -9.86 0.54 -12.51
N SER A 49 -9.49 -0.46 -13.32
CA SER A 49 -8.71 -0.25 -14.51
C SER A 49 -7.26 -0.01 -14.25
N TYR A 50 -6.50 0.03 -15.33
CA TYR A 50 -5.07 0.28 -15.27
C TYR A 50 -4.64 1.72 -15.11
N VAL A 51 -5.61 2.65 -15.14
CA VAL A 51 -5.28 4.06 -14.98
C VAL A 51 -5.13 4.42 -13.49
N GLN A 52 -3.89 4.23 -13.04
CA GLN A 52 -3.51 4.34 -11.62
C GLN A 52 -2.19 5.10 -11.53
N GLY A 53 -1.80 5.44 -10.31
CA GLY A 53 -0.48 6.01 -10.05
C GLY A 53 -0.09 5.77 -8.59
N ALA A 54 1.10 6.25 -8.27
CA ALA A 54 1.55 6.20 -6.87
C ALA A 54 0.71 7.11 -6.00
N PRO A 55 0.33 6.67 -4.80
CA PRO A 55 -0.49 7.48 -3.94
C PRO A 55 0.22 8.61 -3.25
N LEU A 56 -0.57 9.60 -2.85
CA LEU A 56 -0.16 10.70 -2.02
C LEU A 56 -0.87 10.57 -0.69
N GLY A 57 -0.15 10.93 0.38
CA GLY A 57 -0.71 10.93 1.72
C GLY A 57 0.04 9.97 2.68
N GLY A 58 0.09 10.40 3.92
CA GLY A 58 0.76 9.60 4.94
C GLY A 58 -0.07 8.49 5.48
N PHE A 59 0.62 7.72 6.37
CA PHE A 59 -0.03 6.57 7.06
C PHE A 59 -1.15 7.05 7.95
N GLY A 60 -2.31 6.48 7.76
CA GLY A 60 -3.47 6.84 8.57
C GLY A 60 -4.12 8.17 8.18
N ALA A 61 -3.61 8.83 7.13
CA ALA A 61 -4.10 10.17 6.74
C ALA A 61 -5.26 10.09 5.81
N GLY A 62 -5.53 8.96 5.21
CA GLY A 62 -6.26 8.87 3.95
C GLY A 62 -5.31 9.21 2.81
N THR A 63 -5.44 8.46 1.74
CA THR A 63 -4.61 8.72 0.56
C THR A 63 -5.43 9.08 -0.67
N ILE A 64 -4.68 9.67 -1.62
CA ILE A 64 -5.28 10.14 -2.89
C ILE A 64 -4.41 9.60 -4.01
N GLY A 65 -4.98 8.77 -4.87
CA GLY A 65 -4.26 8.24 -6.03
C GLY A 65 -4.42 9.18 -7.24
N ARG A 66 -3.33 9.83 -7.57
CA ARG A 66 -3.24 10.63 -8.82
C ARG A 66 -2.67 9.74 -9.86
N THR A 67 -3.35 9.58 -10.99
CA THR A 67 -2.98 8.61 -11.96
C THR A 67 -1.94 9.10 -12.93
N TYR A 68 -1.39 8.22 -13.74
CA TYR A 68 -0.40 8.61 -14.74
C TYR A 68 -0.99 9.57 -15.81
N ASN A 69 -2.33 9.62 -15.93
CA ASN A 69 -2.96 10.60 -16.85
C ASN A 69 -3.13 11.95 -16.20
N GLY A 70 -2.86 12.10 -14.93
CA GLY A 70 -2.91 13.36 -14.21
C GLY A 70 -4.05 13.61 -13.28
N GLY A 71 -5.07 12.76 -13.38
CA GLY A 71 -6.28 12.97 -12.61
C GLY A 71 -6.19 12.46 -11.18
N PHE A 72 -6.84 13.16 -10.29
CA PHE A 72 -6.97 12.74 -8.89
C PHE A 72 -8.20 11.89 -8.87
N SER A 73 -7.99 10.54 -8.82
CA SER A 73 -8.99 9.58 -9.17
C SER A 73 -9.28 8.45 -8.18
N ARG A 74 -8.24 7.96 -7.43
CA ARG A 74 -8.45 6.80 -6.52
C ARG A 74 -8.50 7.35 -5.11
N TRP A 75 -9.68 7.51 -4.56
CA TRP A 75 -9.86 8.20 -3.32
C TRP A 75 -9.95 7.18 -2.16
N HIS A 76 -8.97 7.31 -1.25
CA HIS A 76 -8.93 6.47 -0.02
C HIS A 76 -9.02 7.38 1.16
N LEU A 77 -9.67 8.54 1.05
CA LEU A 77 -9.81 9.48 2.14
C LEU A 77 -10.82 9.04 3.19
N GLU A 78 -11.80 8.26 2.82
CA GLU A 78 -12.74 7.64 3.75
C GLU A 78 -12.00 6.32 4.13
N ILE A 79 -11.51 6.26 5.38
N ILE A 79 -11.44 6.26 5.34
CA ILE A 79 -10.61 5.20 5.82
CA ILE A 79 -10.45 5.23 5.63
C ILE A 79 -11.23 3.82 5.68
C ILE A 79 -11.15 3.86 5.67
N GLY A 80 -10.59 2.97 4.88
CA GLY A 80 -11.11 1.65 4.65
C GLY A 80 -11.86 1.47 3.37
N LYS A 81 -12.16 2.58 2.67
CA LYS A 81 -12.94 2.56 1.43
C LYS A 81 -12.07 2.93 0.23
N ASN A 82 -12.48 2.39 -0.92
CA ASN A 82 -11.86 2.64 -2.19
C ASN A 82 -12.93 3.22 -3.13
N LYS A 83 -12.76 4.49 -3.51
CA LYS A 83 -13.72 5.17 -4.40
C LYS A 83 -12.98 5.72 -5.62
N TYR A 84 -13.21 5.10 -6.77
CA TYR A 84 -12.49 5.48 -7.97
C TYR A 84 -13.43 6.39 -8.83
N THR A 85 -13.08 7.67 -8.83
CA THR A 85 -13.81 8.68 -9.63
C THR A 85 -12.90 9.84 -9.76
N THR A 86 -12.80 10.37 -11.00
CA THR A 86 -11.94 11.50 -11.18
C THR A 86 -12.68 12.80 -10.81
N VAL A 87 -12.11 13.60 -9.94
CA VAL A 87 -12.69 14.88 -9.55
C VAL A 87 -12.02 15.84 -10.51
N TYR A 88 -12.81 16.25 -11.58
CA TYR A 88 -12.19 16.92 -12.75
C TYR A 88 -11.66 18.28 -12.44
N ALA A 89 -12.23 18.97 -11.46
CA ALA A 89 -11.70 20.28 -11.12
C ALA A 89 -10.28 20.29 -10.59
N ASN A 90 -9.81 19.10 -10.10
CA ASN A 90 -8.49 18.98 -9.40
C ASN A 90 -7.41 18.72 -10.44
N GLN A 91 -6.61 19.77 -10.74
CA GLN A 91 -5.69 19.69 -11.89
C GLN A 91 -4.56 20.63 -11.74
N PHE A 92 -3.50 20.35 -12.49
CA PHE A 92 -2.55 21.36 -12.84
C PHE A 92 -2.80 21.73 -14.35
N SER A 93 -2.70 23.04 -14.61
CA SER A 93 -2.84 23.61 -15.96
C SER A 93 -1.68 24.50 -16.23
N VAL A 94 -1.42 24.72 -17.55
CA VAL A 94 -0.31 25.58 -17.96
C VAL A 94 -0.79 26.60 -19.00
N PHE A 95 -0.18 27.77 -18.94
CA PHE A 95 -0.33 28.80 -19.98
C PHE A 95 1.08 29.10 -20.46
N GLN A 96 1.20 29.31 -21.79
CA GLN A 96 2.48 29.75 -22.36
C GLN A 96 2.26 30.73 -23.48
N LYS A 97 3.08 31.79 -23.52
CA LYS A 97 3.03 32.75 -24.60
C LYS A 97 4.43 33.14 -24.99
N VAL A 98 4.77 32.95 -26.27
CA VAL A 98 6.08 33.32 -26.77
C VAL A 98 6.07 34.84 -27.01
N GLU A 99 7.13 35.52 -26.55
CA GLU A 99 7.31 36.94 -26.81
C GLU A 99 7.19 37.26 -28.29
N GLY A 100 6.35 38.21 -28.59
CA GLY A 100 6.10 38.64 -29.95
C GLY A 100 4.83 38.07 -30.51
N ASN A 101 4.27 37.02 -29.92
CA ASN A 101 2.97 36.46 -30.36
C ASN A 101 1.80 37.21 -29.74
N LYS A 102 0.71 37.34 -30.50
CA LYS A 102 -0.51 37.98 -29.99
C LYS A 102 -1.21 37.19 -28.89
N ASP A 103 -1.36 35.88 -29.09
CA ASP A 103 -2.04 35.00 -28.12
C ASP A 103 -1.11 33.91 -27.56
N GLY A 104 -1.50 33.48 -26.38
CA GLY A 104 -0.88 32.31 -25.76
C GLY A 104 -1.79 31.12 -25.87
N VAL A 105 -1.34 30.02 -25.26
CA VAL A 105 -2.13 28.78 -25.18
C VAL A 105 -2.24 28.33 -23.75
N ALA A 106 -3.40 27.77 -23.43
CA ALA A 106 -3.61 27.20 -22.12
C ALA A 106 -4.09 25.79 -22.28
N GLN A 107 -3.68 24.92 -21.32
CA GLN A 107 -3.96 23.47 -21.44
C GLN A 107 -4.03 22.86 -20.05
N VAL A 108 -5.10 22.13 -19.79
CA VAL A 108 -5.14 21.30 -18.57
C VAL A 108 -4.18 20.12 -18.78
N LEU A 109 -3.38 19.80 -17.74
CA LEU A 109 -2.43 18.67 -17.84
C LEU A 109 -3.12 17.41 -17.43
N TYR A 110 -4.13 16.98 -18.16
CA TYR A 110 -4.94 15.80 -17.94
C TYR A 110 -5.23 15.14 -19.25
N ALA A 111 -4.85 13.89 -19.47
CA ALA A 111 -5.10 13.17 -20.71
C ALA A 111 -6.48 12.56 -20.66
N GLY A 112 -7.47 13.43 -20.79
CA GLY A 112 -8.85 13.03 -20.75
C GLY A 112 -9.76 14.27 -20.74
N GLU A 113 -11.03 14.03 -20.53
CA GLU A 113 -12.00 15.12 -20.44
C GLU A 113 -13.14 14.69 -19.49
N PRO A 114 -13.88 15.63 -18.91
CA PRO A 114 -14.96 15.29 -18.03
C PRO A 114 -16.04 14.43 -18.62
N GLU A 115 -16.62 13.61 -17.73
CA GLU A 115 -17.72 12.71 -18.01
C GLU A 115 -19.00 13.18 -17.31
N ASN A 116 -18.95 14.30 -16.58
CA ASN A 116 -20.13 14.82 -15.84
C ASN A 116 -20.74 16.15 -16.39
N GLY A 117 -20.33 16.57 -17.59
CA GLY A 117 -20.87 17.76 -18.26
C GLY A 117 -20.29 19.12 -17.88
N TYR A 118 -19.50 19.21 -16.83
CA TYR A 118 -19.00 20.49 -16.23
C TYR A 118 -17.59 20.85 -16.75
N LEU A 119 -17.19 22.11 -16.54
CA LEU A 119 -15.88 22.61 -16.92
C LEU A 119 -15.59 22.46 -18.40
N SER A 120 -16.64 22.69 -19.23
CA SER A 120 -16.48 22.58 -20.68
C SER A 120 -15.53 23.65 -21.22
N SER A 121 -15.41 24.78 -20.57
CA SER A 121 -14.54 25.85 -21.07
C SER A 121 -13.07 25.55 -21.00
N TRP A 122 -12.68 24.61 -20.11
CA TRP A 122 -11.25 24.33 -19.92
C TRP A 122 -10.74 23.53 -21.14
N LYS A 123 -9.42 23.61 -21.38
N LYS A 123 -9.44 23.63 -21.43
CA LYS A 123 -8.80 22.95 -22.53
CA LYS A 123 -8.90 22.88 -22.59
C LYS A 123 -8.35 21.54 -22.08
C LYS A 123 -8.41 21.54 -22.04
N TRP A 124 -9.17 20.53 -22.39
CA TRP A 124 -8.94 19.16 -21.94
C TRP A 124 -8.08 18.40 -22.94
N ASP A 125 -8.02 17.07 -22.80
CA ASP A 125 -7.36 16.22 -23.78
C ASP A 125 -5.92 16.56 -24.02
N TYR A 126 -5.14 16.53 -22.95
CA TYR A 126 -3.70 16.67 -23.11
C TYR A 126 -3.27 15.58 -24.09
N PRO A 127 -2.48 15.95 -25.12
CA PRO A 127 -2.27 14.99 -26.21
C PRO A 127 -1.33 13.85 -25.85
N LYS A 128 -1.49 12.74 -26.56
CA LYS A 128 -0.59 11.60 -26.44
C LYS A 128 0.81 11.93 -26.93
N GLU A 129 1.75 11.08 -26.59
CA GLU A 129 3.11 11.22 -27.02
C GLU A 129 3.74 12.55 -26.69
N SER A 130 3.31 13.14 -25.57
CA SER A 130 3.72 14.50 -25.23
C SER A 130 4.13 14.58 -23.76
N GLY A 131 4.59 13.47 -23.21
CA GLY A 131 5.03 13.45 -21.82
C GLY A 131 5.02 12.07 -21.23
N MET A 132 5.67 11.95 -20.08
CA MET A 132 5.85 10.70 -19.39
C MET A 132 5.50 10.83 -17.92
N TYR A 133 5.08 9.68 -17.35
CA TYR A 133 4.92 9.53 -15.90
C TYR A 133 5.98 8.52 -15.41
N TYR A 134 6.54 8.89 -14.26
CA TYR A 134 7.58 8.04 -13.62
C TYR A 134 7.18 7.86 -12.15
N ALA A 135 7.51 6.66 -11.60
CA ALA A 135 7.20 6.43 -10.16
C ALA A 135 8.26 5.56 -9.48
N LEU A 136 8.73 6.07 -8.37
CA LEU A 136 9.57 5.27 -7.44
C LEU A 136 9.17 5.68 -6.03
N TYR A 137 8.11 5.03 -5.59
CA TYR A 137 7.39 5.40 -4.40
C TYR A 137 8.38 5.67 -3.25
N PRO A 138 8.23 6.73 -2.46
CA PRO A 138 7.04 7.65 -2.40
C PRO A 138 7.08 8.81 -3.42
N ASN A 139 8.08 8.85 -4.29
CA ASN A 139 8.12 9.87 -5.34
C ASN A 139 7.44 9.42 -6.64
N SER A 140 6.88 10.40 -7.32
CA SER A 140 6.50 10.26 -8.72
C SER A 140 6.69 11.59 -9.45
N TRP A 141 6.79 11.48 -10.77
CA TRP A 141 7.08 12.64 -11.60
C TRP A 141 6.23 12.58 -12.85
N TYR A 142 5.98 13.77 -13.44
CA TYR A 142 5.46 13.92 -14.80
C TYR A 142 6.39 14.86 -15.54
N THR A 143 6.65 14.50 -16.77
CA THR A 143 7.29 15.43 -17.71
C THR A 143 6.35 15.78 -18.82
N TYR A 144 6.47 17.02 -19.31
CA TYR A 144 5.63 17.60 -20.36
C TYR A 144 6.48 18.12 -21.47
N THR A 145 6.43 17.38 -22.59
CA THR A 145 7.28 17.61 -23.76
C THR A 145 6.38 17.63 -24.99
N ASN A 146 5.91 18.82 -25.30
CA ASN A 146 4.78 19.02 -26.16
C ASN A 146 5.21 19.99 -27.22
N LYS A 147 5.00 19.63 -28.47
CA LYS A 147 5.40 20.47 -29.58
C LYS A 147 4.82 21.88 -29.55
N ASP A 148 3.68 22.05 -28.89
CA ASP A 148 3.00 23.36 -28.74
C ASP A 148 3.23 24.10 -27.41
N LEU A 149 4.15 23.59 -26.61
CA LEU A 149 4.55 24.20 -25.34
C LEU A 149 6.07 24.36 -25.43
N PRO A 150 6.54 25.53 -25.85
CA PRO A 150 7.98 25.71 -26.02
C PRO A 150 8.81 25.53 -24.77
N VAL A 151 8.25 25.93 -23.63
CA VAL A 151 8.87 25.66 -22.35
C VAL A 151 8.49 24.26 -21.84
N GLN A 152 9.51 23.49 -21.55
CA GLN A 152 9.30 22.13 -21.02
C GLN A 152 9.15 22.21 -19.53
N LEU A 153 8.29 21.34 -19.01
CA LEU A 153 7.98 21.35 -17.58
C LEU A 153 8.08 19.95 -17.04
N ALA A 154 8.38 19.88 -15.74
CA ALA A 154 8.33 18.62 -15.02
C ALA A 154 7.85 18.91 -13.62
N VAL A 155 7.26 17.89 -13.01
CA VAL A 155 6.91 17.99 -11.59
C VAL A 155 7.36 16.73 -10.88
N LYS A 156 7.86 16.94 -9.65
CA LYS A 156 8.17 15.84 -8.72
C LYS A 156 7.13 15.97 -7.60
N GLN A 157 6.39 14.89 -7.37
CA GLN A 157 5.34 14.92 -6.35
C GLN A 157 5.60 13.79 -5.33
N PHE A 158 5.31 14.12 -4.08
CA PHE A 158 5.58 13.12 -3.02
C PHE A 158 4.89 13.55 -1.75
N SER A 159 4.83 12.54 -0.84
CA SER A 159 4.55 12.70 0.57
C SER A 159 5.76 12.20 1.37
N PRO A 160 6.01 12.81 2.53
CA PRO A 160 7.22 12.44 3.30
C PRO A 160 7.10 11.09 4.08
N ILE A 161 7.09 10.04 3.30
CA ILE A 161 7.06 8.66 3.83
C ILE A 161 8.52 8.27 4.10
N ILE A 162 8.85 8.16 5.40
CA ILE A 162 10.26 8.05 5.85
C ILE A 162 10.40 6.94 6.92
N PRO A 163 11.13 5.88 6.58
CA PRO A 163 11.42 4.86 7.61
C PRO A 163 11.95 5.46 8.88
N TYR A 164 11.50 4.83 9.98
CA TYR A 164 11.93 5.15 11.36
C TYR A 164 11.45 6.53 11.78
N ASN A 165 10.49 7.08 11.02
CA ASN A 165 9.87 8.39 11.28
C ASN A 165 8.36 8.13 11.35
N TYR A 166 7.79 8.49 12.50
CA TYR A 166 6.39 8.27 12.80
C TYR A 166 5.61 9.59 12.87
N LYS A 167 6.23 10.67 12.39
CA LYS A 167 5.68 12.00 12.48
C LYS A 167 5.29 12.46 11.08
N GLU A 168 6.25 12.94 10.29
CA GLU A 168 5.98 13.36 8.93
C GLU A 168 5.35 12.23 8.12
N THR A 169 5.69 10.95 8.42
CA THR A 169 5.12 9.84 7.72
C THR A 169 3.58 9.77 7.87
N SER A 170 3.05 10.37 8.91
CA SER A 170 1.61 10.38 9.16
C SER A 170 0.87 11.54 8.42
N TYR A 171 1.60 12.49 7.82
CA TYR A 171 0.95 13.73 7.42
C TYR A 171 0.04 13.61 6.18
N PRO A 172 -1.10 14.31 6.25
CA PRO A 172 -2.05 14.38 5.11
C PRO A 172 -1.59 15.52 4.17
N VAL A 173 -0.51 15.31 3.47
CA VAL A 173 0.10 16.38 2.67
C VAL A 173 0.80 15.79 1.49
N ALA A 174 0.88 16.61 0.42
CA ALA A 174 1.65 16.32 -0.74
C ALA A 174 2.35 17.58 -1.23
N VAL A 175 3.53 17.41 -1.79
CA VAL A 175 4.31 18.49 -2.39
C VAL A 175 4.42 18.22 -3.89
N PHE A 176 4.33 19.29 -4.66
CA PHE A 176 4.46 19.28 -6.12
C PHE A 176 5.56 20.28 -6.47
N LYS A 177 6.76 19.78 -6.72
CA LYS A 177 7.93 20.60 -6.99
C LYS A 177 8.11 20.70 -8.52
N TRP A 178 7.77 21.87 -9.10
CA TRP A 178 7.84 22.09 -10.50
C TRP A 178 9.19 22.62 -10.95
N THR A 179 9.61 22.15 -12.13
CA THR A 179 10.79 22.67 -12.83
C THR A 179 10.35 23.06 -14.24
N ALA A 180 10.74 24.25 -14.65
CA ALA A 180 10.43 24.78 -15.98
C ALA A 180 11.73 25.20 -16.63
N TYR A 181 11.90 24.82 -17.90
CA TYR A 181 13.12 25.11 -18.65
C TYR A 181 12.77 25.58 -20.05
N ASN A 182 13.44 26.63 -20.51
CA ASN A 182 13.25 27.18 -21.85
C ASN A 182 14.43 26.78 -22.78
N PRO A 183 14.25 25.75 -23.61
CA PRO A 183 15.29 25.33 -24.54
C PRO A 183 15.30 26.21 -25.82
N THR A 184 14.38 27.18 -25.98
CA THR A 184 14.25 27.94 -27.20
C THR A 184 15.07 29.24 -27.17
N ASN A 185 15.10 29.95 -28.30
CA ASN A 185 15.81 31.21 -28.39
C ASN A 185 14.92 32.43 -28.20
N LYS A 186 13.71 32.27 -27.65
CA LYS A 186 12.83 33.40 -27.38
C LYS A 186 12.38 33.38 -25.96
N ASN A 187 12.11 34.57 -25.42
CA ASN A 187 11.48 34.67 -24.09
C ASN A 187 10.11 34.07 -24.15
N VAL A 188 9.72 33.36 -23.09
CA VAL A 188 8.38 32.78 -23.02
C VAL A 188 7.77 33.12 -21.67
N ASP A 189 6.54 33.63 -21.68
CA ASP A 189 5.72 33.78 -20.47
C ASP A 189 5.06 32.43 -20.16
N VAL A 190 5.14 32.03 -18.91
CA VAL A 190 4.63 30.76 -18.43
C VAL A 190 3.82 30.96 -17.17
N SER A 191 2.68 30.26 -17.11
CA SER A 191 1.95 30.13 -15.85
C SER A 191 1.65 28.68 -15.57
N ILE A 192 1.66 28.35 -14.27
CA ILE A 192 1.27 27.03 -13.75
C ILE A 192 0.16 27.28 -12.73
N MET A 193 -0.97 26.60 -12.91
CA MET A 193 -2.14 26.81 -12.06
C MET A 193 -2.57 25.47 -11.45
N PHE A 194 -2.77 25.51 -10.12
CA PHE A 194 -3.34 24.37 -9.39
C PHE A 194 -4.79 24.73 -9.05
N THR A 195 -5.70 23.87 -9.47
CA THR A 195 -7.10 23.98 -9.11
C THR A 195 -7.49 22.83 -8.18
N TRP A 196 -8.42 23.12 -7.32
CA TRP A 196 -8.91 22.09 -6.40
C TRP A 196 -10.34 22.37 -6.01
N GLN A 197 -11.19 21.35 -6.03
CA GLN A 197 -12.55 21.44 -5.55
C GLN A 197 -12.61 21.45 -4.05
N ASN A 198 -13.46 22.26 -3.47
CA ASN A 198 -13.76 22.14 -2.03
C ASN A 198 -14.58 20.88 -1.88
N MET A 199 -13.86 19.82 -1.43
CA MET A 199 -14.44 18.50 -1.35
C MET A 199 -15.09 18.19 -0.01
N ILE A 200 -15.25 19.15 0.85
CA ILE A 200 -16.00 18.86 2.10
C ILE A 200 -17.37 18.39 1.71
N GLY A 201 -17.82 17.26 2.21
CA GLY A 201 -19.06 16.62 1.82
C GLY A 201 -18.98 15.56 0.77
N PHE A 202 -17.79 15.32 0.22
CA PHE A 202 -17.57 14.21 -0.76
C PHE A 202 -17.96 12.85 -0.19
N PHE A 203 -17.76 12.65 1.12
CA PHE A 203 -18.27 11.47 1.81
C PHE A 203 -18.64 11.87 3.20
N GLY A 204 -19.44 11.00 3.81
CA GLY A 204 -19.73 11.11 5.22
C GLY A 204 -20.87 12.04 5.56
N LYS A 205 -21.27 12.89 4.61
CA LYS A 205 -22.32 13.84 4.84
C LYS A 205 -23.60 13.35 4.18
N GLN A 206 -24.68 13.20 4.93
CA GLN A 206 -25.87 12.45 4.47
C GLN A 206 -26.85 13.27 3.69
N VAL A 207 -26.79 14.60 3.82
CA VAL A 207 -27.64 15.52 3.17
C VAL A 207 -26.84 16.80 2.85
N ASN A 208 -27.30 17.58 1.93
CA ASN A 208 -26.79 18.92 1.66
C ASN A 208 -25.26 18.93 1.49
N VAL A 209 -24.81 18.15 0.52
CA VAL A 209 -23.37 17.81 0.46
C VAL A 209 -22.43 18.98 0.26
N ASN A 210 -22.85 20.06 -0.38
CA ASN A 210 -22.03 21.26 -0.55
C ASN A 210 -22.35 22.37 0.46
N SER A 211 -23.50 22.26 1.14
CA SER A 211 -24.02 23.41 1.85
C SER A 211 -23.08 23.87 2.94
N GLY A 212 -22.81 25.19 2.89
CA GLY A 212 -21.93 25.81 3.88
C GLY A 212 -20.45 25.77 3.52
N ASN A 213 -20.13 25.13 2.42
CA ASN A 213 -18.72 25.13 2.00
C ASN A 213 -18.32 26.55 1.65
N PHE A 214 -17.10 26.95 1.99
CA PHE A 214 -16.59 28.24 1.63
C PHE A 214 -15.09 28.24 1.54
N ASN A 215 -14.53 29.16 0.81
CA ASN A 215 -13.12 29.21 0.51
C ASN A 215 -12.52 30.49 1.01
N LYS A 216 -11.34 30.48 1.59
CA LYS A 216 -10.60 31.64 2.00
C LYS A 216 -9.20 31.61 1.50
N ILE A 217 -8.60 32.79 1.37
CA ILE A 217 -7.26 32.98 0.92
C ILE A 217 -6.38 33.46 2.07
N ILE A 218 -5.26 32.79 2.28
CA ILE A 218 -4.26 33.16 3.28
C ILE A 218 -3.00 33.61 2.58
N LYS A 219 -2.54 34.79 2.96
CA LYS A 219 -1.26 35.34 2.51
C LYS A 219 -0.32 35.40 3.72
N ASP A 220 0.72 34.59 3.73
CA ASP A 220 1.73 34.55 4.80
C ASP A 220 3.00 35.21 4.25
N LYS A 221 3.33 36.40 4.74
CA LYS A 221 4.51 37.19 4.28
C LYS A 221 5.79 37.10 5.14
N SER A 222 6.06 35.96 5.74
CA SER A 222 7.36 35.75 6.43
C SER A 222 8.60 36.10 5.51
N LYS A 223 9.64 36.71 6.10
CA LYS A 223 10.88 37.10 5.36
C LYS A 223 11.40 35.89 4.58
N ASP A 224 11.56 36.04 3.26
CA ASP A 224 12.01 34.94 2.36
C ASP A 224 11.12 33.69 2.29
N SER A 225 9.90 33.79 2.80
CA SER A 225 9.02 32.63 2.83
C SER A 225 7.54 32.98 2.59
N GLU A 226 7.26 33.76 1.52
CA GLU A 226 5.89 34.18 1.17
C GLU A 226 5.09 33.00 0.62
N ILE A 227 3.96 32.73 1.26
CA ILE A 227 3.06 31.66 0.83
C ILE A 227 1.69 32.29 0.52
N VAL A 228 1.06 31.80 -0.54
CA VAL A 228 -0.37 32.12 -0.82
C VAL A 228 -1.08 30.78 -0.86
N ALA A 229 -2.18 30.67 -0.11
CA ALA A 229 -2.92 29.43 -0.02
C ALA A 229 -4.43 29.67 -0.05
N ALA A 230 -5.13 28.68 -0.57
CA ALA A 230 -6.60 28.61 -0.42
C ALA A 230 -6.93 27.58 0.61
N VAL A 231 -7.83 27.90 1.51
CA VAL A 231 -8.36 26.96 2.52
C VAL A 231 -9.83 26.76 2.25
N MET A 232 -10.21 25.56 1.92
CA MET A 232 -11.53 25.12 1.48
C MET A 232 -12.17 24.35 2.60
N GLY A 233 -13.11 24.96 3.29
CA GLY A 233 -13.72 24.40 4.50
C GLY A 233 -15.21 24.57 4.49
N ASN A 234 -15.80 24.56 5.68
CA ASN A 234 -17.24 24.65 5.84
C ASN A 234 -17.52 25.53 7.05
N ILE A 235 -18.63 26.27 7.00
CA ILE A 235 -18.96 27.14 8.08
C ILE A 235 -19.27 26.42 9.40
N SER A 236 -19.66 25.15 9.32
CA SER A 236 -19.92 24.36 10.51
C SER A 236 -18.69 24.06 11.32
N ASN A 237 -18.85 24.04 12.64
CA ASN A 237 -17.80 23.52 13.51
C ASN A 237 -18.10 22.10 14.02
N ASP A 238 -19.06 21.38 13.40
CA ASP A 238 -19.39 19.99 13.81
C ASP A 238 -18.16 19.10 13.71
N ASN A 239 -18.01 18.21 14.67
CA ASN A 239 -16.88 17.25 14.73
C ASN A 239 -17.34 15.91 14.20
N GLU A 240 -17.27 15.77 12.88
CA GLU A 240 -17.76 14.60 12.15
C GLU A 240 -16.73 14.25 11.10
N GLU A 241 -16.82 13.04 10.60
CA GLU A 241 -15.88 12.55 9.60
C GLU A 241 -15.85 13.37 8.41
N TRP A 242 -16.99 14.00 8.02
CA TRP A 242 -17.05 14.78 6.83
C TRP A 242 -16.39 16.17 6.91
N ASN A 243 -16.22 16.72 8.11
CA ASN A 243 -15.85 18.11 8.25
C ASN A 243 -14.36 18.27 8.46
N GLY A 244 -13.82 19.37 7.96
CA GLY A 244 -12.44 19.68 8.04
C GLY A 244 -12.09 20.67 6.95
N GLU A 245 -10.92 20.59 6.40
CA GLU A 245 -10.46 21.54 5.38
C GLU A 245 -9.54 20.90 4.40
N TYR A 246 -9.54 21.37 3.16
CA TYR A 246 -8.50 21.14 2.21
C TYR A 246 -7.69 22.39 2.02
N SER A 247 -6.44 22.33 1.68
CA SER A 247 -5.68 23.52 1.27
C SER A 247 -4.81 23.25 0.12
N ILE A 248 -4.72 24.23 -0.82
CA ILE A 248 -3.69 24.22 -1.82
C ILE A 248 -2.91 25.51 -1.74
N GLY A 249 -1.68 25.55 -2.20
CA GLY A 249 -0.90 26.76 -2.10
C GLY A 249 0.43 26.65 -2.76
N VAL A 250 1.15 27.78 -2.74
CA VAL A 250 2.43 27.90 -3.41
C VAL A 250 3.33 28.80 -2.60
N LYS A 251 4.63 28.56 -2.72
CA LYS A 251 5.63 29.41 -2.12
C LYS A 251 6.26 30.29 -3.18
N LYS A 252 6.36 31.59 -2.89
CA LYS A 252 7.00 32.50 -3.81
C LYS A 252 8.50 32.19 -3.91
N VAL A 253 9.01 32.29 -5.14
CA VAL A 253 10.44 32.18 -5.39
C VAL A 253 10.82 33.38 -6.26
N PRO A 254 12.12 33.74 -6.23
CA PRO A 254 12.54 34.85 -7.09
C PRO A 254 12.15 34.66 -8.56
N GLY A 255 11.66 35.73 -9.17
CA GLY A 255 11.25 35.71 -10.57
C GLY A 255 9.86 35.24 -10.88
N VAL A 256 9.11 34.74 -9.89
N VAL A 256 9.07 35.03 -9.83
CA VAL A 256 7.68 34.45 -10.15
CA VAL A 256 7.79 34.40 -9.98
C VAL A 256 6.82 35.44 -9.39
C VAL A 256 6.73 35.22 -9.24
N ASP A 257 5.61 35.55 -9.91
CA ASP A 257 4.49 36.24 -9.24
C ASP A 257 3.40 35.20 -9.01
N ILE A 258 2.57 35.47 -8.01
CA ILE A 258 1.48 34.62 -7.64
C ILE A 258 0.16 35.30 -7.91
N SER A 259 -0.81 34.58 -8.42
CA SER A 259 -2.19 35.05 -8.52
C SER A 259 -3.12 33.95 -8.02
N TYR A 260 -4.39 34.28 -7.79
CA TYR A 260 -5.29 33.29 -7.19
C TYR A 260 -6.71 33.63 -7.57
N LYS A 261 -7.60 32.66 -7.39
CA LYS A 261 -9.04 32.95 -7.43
C LYS A 261 -9.66 32.10 -6.31
N ALA A 262 -10.35 32.76 -5.40
CA ALA A 262 -10.84 32.04 -4.24
C ALA A 262 -11.99 31.14 -4.54
N LYS A 263 -12.88 31.55 -5.45
CA LYS A 263 -14.08 30.80 -5.64
C LYS A 263 -14.44 30.73 -7.11
N PHE A 264 -14.39 29.54 -7.69
CA PHE A 264 -15.02 29.24 -8.97
C PHE A 264 -16.01 28.12 -8.81
N VAL A 265 -17.01 28.01 -9.69
CA VAL A 265 -18.02 27.03 -9.56
C VAL A 265 -17.65 25.77 -10.32
N THR A 266 -17.55 24.67 -9.58
CA THR A 266 -17.18 23.39 -10.20
C THR A 266 -18.35 22.71 -10.91
N THR A 267 -19.56 23.02 -10.49
CA THR A 267 -20.77 22.57 -11.15
C THR A 267 -21.28 23.61 -12.15
N GLY A 268 -20.36 24.14 -12.94
CA GLY A 268 -20.64 25.03 -14.03
C GLY A 268 -19.62 24.81 -15.11
N ASP A 269 -19.59 25.73 -16.10
CA ASP A 269 -18.71 25.52 -17.24
C ASP A 269 -17.24 25.89 -17.01
N GLY A 270 -16.94 26.43 -15.81
CA GLY A 270 -15.59 26.68 -15.46
C GLY A 270 -14.98 27.96 -16.00
N SER A 271 -15.79 28.74 -16.78
CA SER A 271 -15.25 29.93 -17.53
C SER A 271 -14.99 31.11 -16.64
N ASP A 272 -15.66 31.14 -15.47
CA ASP A 272 -15.38 32.10 -14.47
C ASP A 272 -13.88 32.15 -14.12
N LEU A 273 -13.27 30.98 -14.08
CA LEU A 273 -11.83 30.83 -13.92
C LEU A 273 -11.07 30.91 -15.26
N TRP A 274 -11.50 30.07 -16.16
CA TRP A 274 -10.66 29.76 -17.34
C TRP A 274 -10.48 30.96 -18.25
N HIS A 275 -11.51 31.81 -18.38
CA HIS A 275 -11.35 33.00 -19.23
C HIS A 275 -10.26 33.95 -18.74
N GLU A 276 -10.01 33.91 -17.44
CA GLU A 276 -8.91 34.67 -16.84
C GLU A 276 -7.56 34.01 -17.18
N PHE A 277 -7.48 32.73 -16.88
CA PHE A 277 -6.24 31.99 -17.09
C PHE A 277 -5.82 31.92 -18.55
N SER A 278 -6.80 31.77 -19.44
CA SER A 278 -6.42 31.55 -20.85
C SER A 278 -5.99 32.81 -21.56
N LYS A 279 -6.27 33.98 -21.00
CA LYS A 279 -5.92 35.23 -21.66
C LYS A 279 -4.40 35.49 -21.49
N ASN A 280 -3.94 35.52 -20.25
CA ASN A 280 -2.56 35.87 -19.93
C ASN A 280 -1.95 35.05 -18.77
N GLY A 281 -2.63 33.99 -18.35
CA GLY A 281 -2.07 33.20 -17.28
C GLY A 281 -2.06 33.83 -15.90
N ILE A 282 -2.93 34.82 -15.71
CA ILE A 282 -3.00 35.59 -14.47
C ILE A 282 -4.44 35.62 -14.00
N LEU A 283 -4.68 35.27 -12.74
CA LEU A 283 -6.01 35.22 -12.19
C LEU A 283 -6.42 36.57 -11.62
N ASP A 284 -7.68 36.63 -11.21
CA ASP A 284 -8.30 37.88 -10.76
C ASP A 284 -7.92 38.33 -9.34
N ASN A 285 -7.32 37.46 -8.57
CA ASN A 285 -7.04 37.73 -7.15
C ASN A 285 -8.30 38.13 -6.41
N LYS A 286 -9.41 37.51 -6.77
CA LYS A 286 -10.70 37.81 -6.14
C LYS A 286 -10.96 36.91 -4.96
N ASP A 287 -11.09 37.57 -3.82
N ASP A 287 -10.84 37.48 -3.76
CA ASP A 287 -11.43 36.92 -2.57
CA ASP A 287 -11.31 36.83 -2.53
C ASP A 287 -12.94 36.92 -2.42
C ASP A 287 -12.85 36.78 -2.58
N ASP A 288 -13.49 35.81 -1.93
CA ASP A 288 -14.94 35.70 -1.79
C ASP A 288 -15.22 34.55 -0.86
N GLU A 289 -15.61 34.89 0.37
CA GLU A 289 -15.86 33.87 1.41
C GLU A 289 -17.32 33.48 1.50
N THR A 290 -18.11 33.86 0.46
CA THR A 290 -19.52 33.53 0.52
C THR A 290 -19.72 32.00 0.52
N PRO A 291 -20.46 31.46 1.49
CA PRO A 291 -20.68 30.02 1.45
C PRO A 291 -21.61 29.61 0.32
N THR A 292 -21.43 28.42 -0.21
CA THR A 292 -22.28 27.89 -1.25
C THR A 292 -23.46 27.16 -0.61
N LYS A 293 -24.49 26.90 -1.41
CA LYS A 293 -25.70 26.18 -1.04
C LYS A 293 -25.65 24.84 -1.78
N GLN A 294 -26.11 24.77 -3.02
N GLN A 294 -26.02 24.82 -3.04
CA GLN A 294 -26.04 23.55 -3.82
CA GLN A 294 -26.10 23.60 -3.82
C GLN A 294 -24.79 23.46 -4.69
C GLN A 294 -24.93 23.47 -4.82
N ASP A 295 -24.34 24.59 -5.26
CA ASP A 295 -23.21 24.54 -6.20
C ASP A 295 -21.96 24.00 -5.53
N GLY A 296 -21.24 23.21 -6.33
CA GLY A 296 -19.88 22.89 -5.95
C GLY A 296 -18.93 24.02 -6.22
N ILE A 297 -17.96 24.26 -5.36
CA ILE A 297 -17.02 25.37 -5.53
C ILE A 297 -15.60 24.86 -5.43
N GLY A 298 -14.65 25.64 -5.88
CA GLY A 298 -13.25 25.31 -5.89
C GLY A 298 -12.39 26.56 -5.81
N SER A 299 -11.08 26.40 -5.66
CA SER A 299 -10.12 27.46 -5.61
C SER A 299 -8.97 27.22 -6.59
N ALA A 300 -8.25 28.27 -6.90
CA ALA A 300 -7.13 28.21 -7.84
C ALA A 300 -6.00 29.07 -7.36
N ILE A 301 -4.79 28.51 -7.47
CA ILE A 301 -3.54 29.18 -7.12
C ILE A 301 -2.62 29.07 -8.33
N ALA A 302 -2.08 30.20 -8.79
CA ALA A 302 -1.24 30.20 -9.98
C ALA A 302 0.02 30.99 -9.76
N VAL A 303 1.04 30.63 -10.55
CA VAL A 303 2.23 31.43 -10.67
C VAL A 303 2.45 31.80 -12.12
N ASN A 304 3.04 32.99 -12.34
CA ASN A 304 3.40 33.44 -13.67
C ASN A 304 4.83 33.94 -13.62
N PHE A 305 5.56 33.66 -14.70
CA PHE A 305 6.94 34.02 -14.78
C PHE A 305 7.37 34.10 -16.24
N LYS A 306 8.44 34.83 -16.48
CA LYS A 306 9.06 34.92 -17.80
C LYS A 306 10.36 34.14 -17.78
N LEU A 307 10.50 33.21 -18.72
CA LEU A 307 11.77 32.46 -18.90
C LEU A 307 12.49 32.94 -20.14
N GLN A 308 13.71 33.40 -19.91
CA GLN A 308 14.65 33.69 -20.99
C GLN A 308 15.20 32.40 -21.56
N PRO A 309 15.76 32.45 -22.78
CA PRO A 309 16.45 31.32 -23.36
C PRO A 309 17.46 30.74 -22.39
N GLY A 310 17.35 29.42 -22.15
CA GLY A 310 18.31 28.69 -21.33
C GLY A 310 18.01 28.70 -19.85
N GLN A 311 16.96 29.41 -19.47
CA GLN A 311 16.65 29.61 -18.05
C GLN A 311 15.82 28.48 -17.47
N THR A 312 16.13 28.10 -16.24
CA THR A 312 15.35 27.16 -15.45
C THR A 312 14.81 27.87 -14.21
N ILE A 313 13.62 27.47 -13.77
N ILE A 313 13.54 27.54 -13.87
CA ILE A 313 13.15 27.90 -12.50
CA ILE A 313 12.88 27.98 -12.62
C ILE A 313 12.39 26.76 -11.86
C ILE A 313 12.31 26.75 -11.88
N GLU A 314 12.41 26.77 -10.54
CA GLU A 314 11.79 25.74 -9.71
C GLU A 314 10.79 26.43 -8.80
N VAL A 315 9.62 25.85 -8.62
N VAL A 315 9.55 25.90 -8.77
CA VAL A 315 8.65 26.47 -7.74
CA VAL A 315 8.41 26.42 -7.96
C VAL A 315 7.79 25.36 -7.15
C VAL A 315 7.71 25.29 -7.19
N PRO A 316 7.59 25.38 -5.83
CA PRO A 316 6.83 24.36 -5.13
C PRO A 316 5.40 24.77 -4.80
N PHE A 317 4.49 23.85 -5.09
CA PHE A 317 3.10 23.87 -4.63
C PHE A 317 2.88 22.76 -3.60
N ALA A 318 1.80 22.84 -2.88
CA ALA A 318 1.43 21.79 -1.95
C ALA A 318 -0.06 21.64 -1.85
N LEU A 319 -0.51 20.50 -1.29
CA LEU A 319 -1.87 20.15 -1.03
C LEU A 319 -1.93 19.55 0.38
N SER A 320 -2.85 19.94 1.19
CA SER A 320 -3.09 19.30 2.50
C SER A 320 -4.53 19.02 2.70
N TRP A 321 -4.85 18.08 3.59
CA TRP A 321 -6.22 17.77 3.92
C TRP A 321 -6.32 17.48 5.37
N ASP A 322 -6.97 18.35 6.12
CA ASP A 322 -7.23 18.20 7.55
C ASP A 322 -8.61 17.68 7.74
N LEU A 323 -8.74 16.35 7.80
CA LEU A 323 -9.97 15.62 8.01
C LEU A 323 -9.71 14.78 9.26
N PRO A 324 -9.90 15.39 10.44
CA PRO A 324 -9.29 14.75 11.63
C PRO A 324 -9.95 13.48 12.08
N ILE A 325 -11.20 13.24 11.76
CA ILE A 325 -12.00 12.13 12.26
C ILE A 325 -12.23 11.09 11.24
N MET A 326 -11.96 9.83 11.57
CA MET A 326 -12.39 8.70 10.81
C MET A 326 -13.54 8.01 11.52
N LYS A 327 -14.55 7.63 10.77
CA LYS A 327 -15.69 6.88 11.29
C LYS A 327 -15.74 5.53 10.61
N PHE A 328 -15.96 4.51 11.42
CA PHE A 328 -16.16 3.18 10.88
C PHE A 328 -17.64 2.78 10.92
N GLY A 329 -18.00 1.77 10.14
CA GLY A 329 -19.42 1.49 9.92
C GLY A 329 -20.17 1.03 11.16
N GLY A 330 -19.47 0.46 12.14
CA GLY A 330 -20.10 0.07 13.39
C GLY A 330 -20.29 1.23 14.33
N GLY A 331 -19.87 2.45 13.95
CA GLY A 331 -20.22 3.64 14.69
C GLY A 331 -19.09 4.38 15.35
N ASP A 332 -17.95 3.70 15.56
CA ASP A 332 -16.85 4.34 16.29
C ASP A 332 -16.21 5.45 15.45
N LYS A 333 -15.84 6.54 16.12
CA LYS A 333 -15.13 7.68 15.54
C LYS A 333 -13.79 7.80 16.26
N TRP A 334 -12.75 7.96 15.50
CA TRP A 334 -11.39 8.07 16.03
C TRP A 334 -10.69 9.25 15.39
N TYR A 335 -9.76 9.90 16.09
CA TYR A 335 -8.87 10.84 15.49
C TYR A 335 -7.75 10.17 14.76
N LYS A 336 -7.32 10.74 13.64
CA LYS A 336 -6.21 10.22 12.87
C LYS A 336 -4.87 10.63 13.48
N MET A 337 -3.83 9.82 13.23
CA MET A 337 -2.54 10.03 13.88
C MET A 337 -2.00 11.43 13.79
N TYR A 338 -2.08 12.06 12.58
CA TYR A 338 -1.41 13.34 12.40
C TYR A 338 -1.94 14.40 13.32
N THR A 339 -3.15 14.21 13.86
CA THR A 339 -3.72 15.19 14.79
C THR A 339 -2.84 15.38 16.02
N LYS A 340 -1.97 14.41 16.34
CA LYS A 340 -1.03 14.58 17.44
C LYS A 340 -0.14 15.80 17.19
N TYR A 341 0.16 16.09 15.94
CA TYR A 341 1.12 17.12 15.58
C TYR A 341 0.48 18.45 15.21
N PHE A 342 -0.78 18.42 14.76
CA PHE A 342 -1.45 19.59 14.24
C PHE A 342 -2.73 19.99 14.96
N GLY A 343 -3.27 19.15 15.81
CA GLY A 343 -4.57 19.43 16.41
C GLY A 343 -5.68 18.59 15.87
N LYS A 344 -6.79 18.59 16.60
CA LYS A 344 -7.97 17.79 16.32
C LYS A 344 -9.18 18.55 15.80
N ASN A 345 -9.14 19.88 15.75
CA ASN A 345 -10.35 20.65 15.47
C ASN A 345 -10.71 20.81 14.00
N GLY A 346 -9.92 20.23 13.10
CA GLY A 346 -10.25 20.34 11.68
C GLY A 346 -10.08 21.69 11.03
N LYS A 347 -9.31 22.57 11.65
CA LYS A 347 -9.13 23.92 11.12
C LYS A 347 -7.62 24.20 10.94
N ASN A 348 -6.86 23.17 10.54
CA ASN A 348 -5.42 23.23 10.59
C ASN A 348 -4.78 22.94 9.23
N SER A 349 -5.54 23.00 8.15
CA SER A 349 -4.95 22.69 6.84
C SER A 349 -3.82 23.62 6.44
N PHE A 350 -3.94 24.90 6.76
CA PHE A 350 -2.89 25.84 6.36
C PHE A 350 -1.58 25.49 7.11
N ALA A 351 -1.67 25.22 8.41
CA ALA A 351 -0.47 24.86 9.16
C ALA A 351 0.26 23.65 8.52
N ILE A 352 -0.49 22.67 8.07
CA ILE A 352 0.11 21.46 7.48
C ILE A 352 0.80 21.84 6.16
N LEU A 353 0.05 22.61 5.35
CA LEU A 353 0.56 23.07 4.04
C LEU A 353 1.84 23.88 4.21
N LYS A 354 1.83 24.81 5.17
CA LYS A 354 2.99 25.67 5.43
C LYS A 354 4.20 24.85 5.86
N GLU A 355 4.01 23.86 6.73
CA GLU A 355 5.09 22.99 7.11
C GLU A 355 5.70 22.34 5.87
N ALA A 356 4.87 21.84 4.96
CA ALA A 356 5.40 21.24 3.75
C ALA A 356 6.15 22.21 2.85
N LEU A 357 5.57 23.38 2.61
CA LEU A 357 6.21 24.33 1.71
C LEU A 357 7.53 24.83 2.28
N ASN A 358 7.66 24.86 3.61
CA ASN A 358 8.91 25.32 4.21
C ASN A 358 9.94 24.27 4.44
N ASN A 359 9.55 22.99 4.35
CA ASN A 359 10.46 21.88 4.73
C ASN A 359 10.62 20.81 3.67
N TYR A 360 10.04 21.00 2.49
CA TYR A 360 10.02 19.91 1.52
C TYR A 360 11.43 19.53 1.06
N GLN A 361 12.38 20.48 1.01
CA GLN A 361 13.74 20.11 0.58
C GLN A 361 14.38 19.16 1.56
N LYS A 362 14.12 19.39 2.85
N LYS A 362 14.17 19.36 2.87
CA LYS A 362 14.63 18.47 3.88
CA LYS A 362 14.65 18.38 3.86
C LYS A 362 13.99 17.07 3.78
C LYS A 362 14.03 17.04 3.55
N TRP A 363 12.70 17.04 3.37
CA TRP A 363 12.00 15.79 3.20
C TRP A 363 12.54 15.03 1.98
N GLU A 364 12.81 15.74 0.89
CA GLU A 364 13.39 15.09 -0.27
C GLU A 364 14.71 14.39 0.06
N LYS A 365 15.54 15.07 0.85
CA LYS A 365 16.84 14.51 1.28
C LYS A 365 16.65 13.29 2.16
N MET A 366 15.68 13.35 3.06
CA MET A 366 15.39 12.21 3.91
C MET A 366 14.96 10.99 3.11
N ILE A 367 14.16 11.21 2.09
CA ILE A 367 13.75 10.13 1.19
C ILE A 367 14.95 9.59 0.41
N ASP A 368 15.75 10.49 -0.15
CA ASP A 368 16.94 10.05 -0.85
C ASP A 368 17.87 9.24 0.03
N ASP A 369 18.01 9.65 1.30
CA ASP A 369 18.91 8.99 2.22
C ASP A 369 18.46 7.57 2.46
N TRP A 370 17.17 7.31 2.55
CA TRP A 370 16.71 5.95 2.75
CA TRP A 370 16.65 5.96 2.76
C TRP A 370 16.69 5.09 1.52
N GLN A 371 16.46 5.68 0.36
CA GLN A 371 16.46 4.91 -0.89
C GLN A 371 17.91 4.62 -1.37
N LYS A 372 18.87 5.45 -0.98
CA LYS A 372 20.23 5.34 -1.54
C LYS A 372 20.91 3.99 -1.35
N PRO A 373 20.84 3.37 -0.15
CA PRO A 373 21.55 2.10 -0.03
C PRO A 373 21.15 1.06 -1.05
N ILE A 374 19.88 1.01 -1.39
CA ILE A 374 19.42 0.07 -2.38
C ILE A 374 19.73 0.59 -3.78
N LEU A 375 19.40 1.85 -4.06
CA LEU A 375 19.60 2.37 -5.42
C LEU A 375 21.05 2.29 -5.86
N SER A 376 21.94 2.59 -4.93
CA SER A 376 23.39 2.56 -5.21
C SER A 376 24.01 1.20 -5.35
N ASN A 377 23.29 0.15 -5.00
CA ASN A 377 23.84 -1.22 -5.06
C ASN A 377 23.73 -1.73 -6.50
N LYS A 378 24.86 -1.65 -7.21
CA LYS A 378 24.88 -1.96 -8.64
C LYS A 378 24.88 -3.49 -8.92
N SER A 379 24.85 -4.33 -7.89
CA SER A 379 24.66 -5.77 -8.06
C SER A 379 23.21 -6.12 -8.32
N LYS A 380 22.27 -5.23 -7.97
CA LYS A 380 20.87 -5.55 -8.05
C LYS A 380 20.29 -4.92 -9.30
N PRO A 381 19.53 -5.67 -10.10
CA PRO A 381 18.97 -5.11 -11.29
C PRO A 381 17.92 -4.02 -11.02
N ASP A 382 17.77 -3.12 -11.95
CA ASP A 382 16.81 -2.04 -11.80
C ASP A 382 15.40 -2.54 -11.60
N TRP A 383 14.99 -3.58 -12.31
CA TRP A 383 13.60 -4.04 -12.22
C TRP A 383 13.23 -4.41 -10.79
N TYR A 384 14.21 -5.00 -10.07
CA TYR A 384 13.99 -5.42 -8.67
C TYR A 384 13.76 -4.18 -7.83
N LYS A 385 14.53 -3.12 -8.09
CA LYS A 385 14.37 -1.85 -7.38
C LYS A 385 12.98 -1.25 -7.63
N THR A 386 12.56 -1.32 -8.90
CA THR A 386 11.23 -0.82 -9.26
C THR A 386 10.14 -1.44 -8.41
N ALA A 387 10.21 -2.76 -8.33
CA ALA A 387 9.21 -3.49 -7.56
C ALA A 387 9.35 -3.22 -6.05
N LEU A 388 10.59 -3.31 -5.55
CA LEU A 388 10.80 -3.17 -4.12
C LEU A 388 10.20 -1.87 -3.58
N PHE A 389 10.52 -0.76 -4.25
CA PHE A 389 10.00 0.53 -3.78
C PHE A 389 8.49 0.70 -4.07
N ASN A 390 8.11 0.37 -5.31
CA ASN A 390 6.73 0.62 -5.66
C ASN A 390 5.70 -0.25 -4.98
N GLU A 391 6.11 -1.48 -4.54
CA GLU A 391 5.14 -2.28 -3.76
C GLU A 391 4.76 -1.60 -2.43
N LEU A 392 5.65 -0.77 -1.95
CA LEU A 392 5.42 -0.06 -0.69
C LEU A 392 4.24 0.87 -0.75
N TYR A 393 3.71 1.20 -1.95
CA TYR A 393 2.52 2.03 -2.05
C TYR A 393 1.41 1.56 -1.14
N TYR A 394 1.36 0.22 -0.93
CA TYR A 394 0.23 -0.33 -0.22
C TYR A 394 0.20 0.01 1.27
N LEU A 395 1.40 0.27 1.85
CA LEU A 395 1.39 0.63 3.27
C LEU A 395 0.56 1.85 3.57
N ALA A 396 0.61 2.85 2.69
CA ALA A 396 -0.26 4.02 2.82
C ALA A 396 -1.62 3.77 2.18
N ASP A 397 -1.67 3.10 1.00
N ASP A 397 -1.66 3.01 1.13
CA ASP A 397 -2.93 2.89 0.19
CA ASP A 397 -2.81 3.00 0.37
C ASP A 397 -3.85 1.80 0.66
C ASP A 397 -3.85 1.98 0.82
N GLY A 398 -3.46 1.05 1.70
CA GLY A 398 -4.32 -0.05 2.12
C GLY A 398 -5.31 0.26 3.21
N GLY A 399 -6.04 1.38 3.08
CA GLY A 399 -7.04 1.68 4.06
C GLY A 399 -6.47 1.88 5.45
N THR A 400 -5.27 2.39 5.52
CA THR A 400 -4.50 2.35 6.78
C THR A 400 -5.11 3.23 7.81
N ALA A 401 -5.30 2.68 9.02
CA ALA A 401 -5.94 3.35 10.11
C ALA A 401 -4.93 3.50 11.25
N TRP A 402 -4.75 4.64 11.85
CA TRP A 402 -3.72 4.88 12.87
C TRP A 402 -4.29 5.91 13.79
N GLU A 403 -4.79 5.47 14.94
CA GLU A 403 -5.62 6.32 15.75
C GLU A 403 -4.87 7.13 16.81
N ASN A 404 -5.38 8.31 17.14
CA ASN A 404 -4.91 9.20 18.15
C ASN A 404 -6.07 9.59 19.06
N GLY A 405 -6.80 8.58 19.49
CA GLY A 405 -7.85 8.71 20.47
C GLY A 405 -9.20 8.49 19.88
N LYS A 406 -10.09 7.98 20.71
N LYS A 406 -10.11 7.94 20.68
CA LYS A 406 -11.49 7.89 20.33
CA LYS A 406 -11.51 7.82 20.24
C LYS A 406 -12.08 9.30 20.48
C LYS A 406 -12.24 9.13 20.58
N VAL A 407 -13.02 9.64 19.63
CA VAL A 407 -13.73 10.88 19.80
C VAL A 407 -14.57 10.80 21.07
N GLY A 408 -14.44 11.83 21.92
CA GLY A 408 -15.04 11.85 23.26
C GLY A 408 -14.30 11.09 24.36
N GLU A 409 -13.07 10.64 24.13
CA GLU A 409 -12.34 9.74 25.09
C GLU A 409 -13.04 8.41 25.27
N ARG A 413 -4.42 7.41 26.40
CA ARG A 413 -3.60 6.23 26.28
C ARG A 413 -2.24 6.50 25.74
N THR A 414 -1.34 5.58 26.04
CA THR A 414 0.06 5.65 25.66
C THR A 414 0.26 5.29 24.19
N ASN A 415 -0.54 4.35 23.69
CA ASN A 415 -0.30 3.78 22.38
C ASN A 415 -1.29 4.26 21.34
N ASN A 416 -0.90 4.15 20.10
CA ASN A 416 -1.71 4.53 18.93
C ASN A 416 -1.96 3.26 18.14
N MET A 417 -3.17 2.73 18.18
CA MET A 417 -3.42 1.49 17.51
C MET A 417 -3.32 1.67 15.97
N PHE A 418 -3.00 0.62 15.24
CA PHE A 418 -2.73 0.65 13.81
C PHE A 418 -3.37 -0.50 13.15
N GLY A 419 -3.83 -0.31 11.89
CA GLY A 419 -4.19 -1.41 11.11
C GLY A 419 -4.08 -1.15 9.61
N LEU A 420 -3.59 -2.10 8.87
CA LEU A 420 -3.54 -2.16 7.41
C LEU A 420 -4.50 -3.19 6.91
N LEU A 421 -5.35 -2.84 5.91
CA LEU A 421 -6.25 -3.82 5.36
C LEU A 421 -5.55 -4.96 4.62
N GLU A 422 -6.15 -6.15 4.69
CA GLU A 422 -5.80 -7.25 3.79
C GLU A 422 -5.91 -6.78 2.33
N CYS A 423 -7.08 -6.16 2.02
CA CYS A 423 -7.42 -5.52 0.74
C CYS A 423 -8.77 -4.91 0.92
N PHE A 424 -9.34 -4.36 -0.18
CA PHE A 424 -10.66 -3.73 -0.11
C PHE A 424 -11.77 -4.74 -0.36
N ASP A 425 -11.56 -5.73 -1.21
CA ASP A 425 -12.58 -6.74 -1.50
C ASP A 425 -12.89 -7.59 -0.26
N TYR A 426 -11.84 -7.84 0.55
CA TYR A 426 -11.90 -8.65 1.77
C TYR A 426 -11.46 -7.69 2.89
N ASN A 427 -12.41 -6.89 3.39
CA ASN A 427 -12.13 -5.69 4.11
C ASN A 427 -11.90 -5.97 5.58
N TYR A 428 -10.71 -6.53 5.84
CA TYR A 428 -10.31 -7.04 7.17
C TYR A 428 -8.97 -6.44 7.56
N TYR A 429 -8.87 -5.90 8.78
CA TYR A 429 -7.64 -5.30 9.24
C TYR A 429 -6.63 -6.35 9.75
N GLU A 430 -5.44 -6.28 9.23
CA GLU A 430 -4.28 -7.04 9.74
C GLU A 430 -4.47 -8.53 9.63
N THR A 431 -5.16 -9.06 8.67
CA THR A 431 -5.39 -10.48 8.53
C THR A 431 -4.08 -11.20 8.79
N LEU A 432 -4.04 -12.06 9.85
CA LEU A 432 -2.73 -12.51 10.37
C LEU A 432 -2.07 -13.52 9.47
N ASP A 433 -2.87 -14.40 8.91
CA ASP A 433 -2.34 -15.39 7.98
C ASP A 433 -1.70 -14.76 6.73
N VAL A 434 -2.16 -13.54 6.41
CA VAL A 434 -1.62 -12.74 5.30
C VAL A 434 -0.45 -11.86 5.76
N ARG A 435 -0.58 -11.24 6.94
CA ARG A 435 0.46 -10.35 7.44
C ARG A 435 1.76 -11.12 7.73
N PHE A 436 1.66 -12.46 7.96
CA PHE A 436 2.84 -13.29 8.03
C PHE A 436 3.81 -13.06 6.87
N TYR A 437 3.23 -12.80 5.67
CA TYR A 437 3.95 -12.41 4.46
C TYR A 437 4.10 -10.89 4.33
N GLY A 438 2.97 -10.18 4.52
CA GLY A 438 2.90 -8.75 4.09
C GLY A 438 3.44 -7.73 5.05
N SER A 439 3.87 -8.19 6.27
CA SER A 439 4.28 -7.23 7.24
C SER A 439 5.81 -6.96 7.25
N PHE A 440 6.55 -7.54 6.33
CA PHE A 440 7.99 -7.31 6.26
C PHE A 440 8.41 -5.83 6.27
N PRO A 441 7.75 -4.95 5.42
CA PRO A 441 8.19 -3.57 5.45
C PRO A 441 7.98 -2.88 6.78
N LEU A 442 6.92 -3.25 7.51
N LEU A 442 6.93 -3.26 7.49
CA LEU A 442 6.69 -2.62 8.80
CA LEU A 442 6.66 -2.63 8.76
C LEU A 442 7.78 -3.02 9.78
C LEU A 442 7.75 -3.03 9.78
N VAL A 443 8.10 -4.30 9.91
CA VAL A 443 9.15 -4.66 10.88
C VAL A 443 10.49 -4.08 10.45
N MET A 444 10.76 -4.01 9.15
CA MET A 444 12.05 -3.54 8.67
C MET A 444 12.25 -2.05 8.73
N LEU A 445 11.15 -1.32 8.51
CA LEU A 445 11.21 0.14 8.24
C LEU A 445 10.41 0.98 9.25
N TRP A 446 9.37 0.40 9.90
CA TRP A 446 8.59 1.08 10.90
C TRP A 446 8.30 0.15 12.07
N PRO A 447 9.39 -0.33 12.75
CA PRO A 447 9.26 -1.42 13.72
C PRO A 447 8.39 -1.07 14.90
N ASP A 448 8.31 0.20 15.32
CA ASP A 448 7.45 0.55 16.41
C ASP A 448 5.98 0.28 16.11
N ILE A 449 5.62 0.50 14.82
CA ILE A 449 4.25 0.17 14.44
C ILE A 449 4.04 -1.34 14.46
N GLU A 450 5.00 -2.04 13.89
CA GLU A 450 4.90 -3.52 13.86
C GLU A 450 4.72 -4.15 15.26
N LYS A 451 5.50 -3.64 16.21
CA LYS A 451 5.37 -4.20 17.58
C LYS A 451 4.06 -3.86 18.21
N GLN A 452 3.54 -2.64 17.92
CA GLN A 452 2.20 -2.27 18.38
C GLN A 452 1.13 -3.21 17.81
N VAL A 453 1.20 -3.51 16.50
CA VAL A 453 0.25 -4.44 15.95
C VAL A 453 0.30 -5.81 16.66
N MET A 454 1.54 -6.31 16.82
CA MET A 454 1.66 -7.61 17.50
C MET A 454 1.14 -7.57 18.94
N ARG A 455 1.37 -6.48 19.68
CA ARG A 455 0.75 -6.35 20.99
C ARG A 455 -0.75 -6.38 20.91
N GLN A 456 -1.31 -5.74 19.86
CA GLN A 456 -2.77 -5.84 19.67
C GLN A 456 -3.25 -7.31 19.56
N PHE A 457 -2.55 -8.09 18.76
CA PHE A 457 -2.89 -9.53 18.66
C PHE A 457 -2.69 -10.28 20.00
N ALA A 458 -1.58 -9.97 20.70
CA ALA A 458 -1.34 -10.61 22.02
C ALA A 458 -2.53 -10.37 22.93
N ASP A 459 -3.06 -9.15 22.93
CA ASP A 459 -4.13 -8.79 23.81
C ASP A 459 -5.44 -9.58 23.52
N THR A 460 -5.58 -10.11 22.31
CA THR A 460 -6.78 -10.84 21.93
C THR A 460 -6.78 -12.32 22.29
N ILE A 461 -5.65 -12.88 22.70
CA ILE A 461 -5.51 -14.33 22.72
C ILE A 461 -6.63 -14.99 23.54
N ASN A 462 -6.89 -14.47 24.73
CA ASN A 462 -7.86 -15.06 25.62
C ASN A 462 -9.22 -14.47 25.56
N VAL A 463 -9.48 -13.62 24.59
CA VAL A 463 -10.81 -13.15 24.42
C VAL A 463 -11.68 -14.33 24.01
N GLN A 464 -12.88 -14.38 24.58
CA GLN A 464 -13.87 -15.37 24.24
C GLN A 464 -15.14 -14.62 23.90
N ASP A 465 -15.71 -14.94 22.75
CA ASP A 465 -17.02 -14.48 22.39
C ASP A 465 -17.76 -15.71 21.90
N SER A 466 -18.67 -16.21 22.76
CA SER A 466 -19.43 -17.42 22.48
C SER A 466 -20.65 -17.19 21.59
N SER A 467 -20.96 -15.95 21.21
CA SER A 467 -22.03 -15.72 20.24
C SER A 467 -21.65 -16.37 18.94
N GLU A 468 -22.65 -16.85 18.22
CA GLU A 468 -22.43 -17.64 17.02
C GLU A 468 -22.70 -16.83 15.79
N PHE A 469 -21.94 -17.12 14.73
CA PHE A 469 -22.12 -16.51 13.43
C PHE A 469 -22.32 -17.63 12.42
N LYS A 470 -22.96 -17.30 11.31
CA LYS A 470 -23.17 -18.23 10.21
C LYS A 470 -21.95 -18.16 9.31
N VAL A 471 -21.33 -19.31 9.11
CA VAL A 471 -20.15 -19.45 8.26
C VAL A 471 -20.62 -19.33 6.83
N GLY A 472 -20.03 -18.39 6.11
CA GLY A 472 -20.55 -18.03 4.79
C GLY A 472 -20.51 -19.16 3.78
N SER A 473 -19.44 -19.94 3.82
CA SER A 473 -19.18 -20.90 2.78
C SER A 473 -20.11 -22.10 2.77
N ASN A 474 -20.44 -22.60 3.97
CA ASN A 474 -21.28 -23.80 4.12
C ASN A 474 -22.56 -23.65 4.96
N GLY A 475 -22.77 -22.46 5.52
CA GLY A 475 -23.98 -22.18 6.29
C GLY A 475 -24.02 -22.79 7.68
N ALA A 476 -22.91 -23.33 8.16
CA ALA A 476 -22.85 -23.86 9.53
C ALA A 476 -22.72 -22.72 10.54
N MET A 477 -23.15 -22.95 11.77
CA MET A 477 -23.03 -21.96 12.84
C MET A 477 -21.73 -22.23 13.59
N ALA A 478 -21.01 -21.19 14.00
CA ALA A 478 -19.74 -21.33 14.73
C ALA A 478 -19.57 -20.23 15.79
N VAL A 479 -18.83 -20.56 16.86
CA VAL A 479 -18.45 -19.55 17.88
C VAL A 479 -17.53 -18.46 17.26
N LYS A 480 -17.80 -17.19 17.56
CA LYS A 480 -17.03 -16.07 17.01
C LYS A 480 -15.56 -16.07 17.39
N LYS A 481 -15.25 -16.28 18.66
CA LYS A 481 -13.88 -16.18 19.13
C LYS A 481 -13.69 -17.13 20.28
N VAL A 482 -12.74 -18.05 20.12
CA VAL A 482 -12.43 -19.07 21.08
C VAL A 482 -11.19 -18.68 21.88
N GLN A 483 -11.23 -18.85 23.22
CA GLN A 483 -10.10 -18.57 24.06
C GLN A 483 -8.89 -19.39 23.62
N GLY A 484 -7.78 -18.71 23.45
CA GLY A 484 -6.51 -19.36 23.13
C GLY A 484 -6.24 -19.47 21.65
N MET A 485 -7.22 -19.07 20.81
CA MET A 485 -7.04 -19.04 19.38
C MET A 485 -6.77 -17.61 18.93
N ILE A 486 -5.70 -17.41 18.19
CA ILE A 486 -5.44 -16.11 17.61
C ILE A 486 -6.55 -15.77 16.57
N PRO A 487 -7.00 -14.51 16.56
CA PRO A 487 -8.01 -14.12 15.56
C PRO A 487 -7.42 -14.03 14.16
N HIS A 488 -8.30 -14.28 13.20
CA HIS A 488 -7.97 -14.04 11.80
C HIS A 488 -7.64 -12.56 11.50
N ASP A 489 -8.38 -11.68 12.14
CA ASP A 489 -8.26 -10.24 11.82
C ASP A 489 -8.73 -9.41 12.98
N LEU A 490 -8.44 -8.11 12.94
CA LEU A 490 -8.78 -7.15 13.97
C LEU A 490 -9.97 -6.28 13.58
N GLY A 491 -10.85 -6.87 12.81
CA GLY A 491 -12.12 -6.20 12.45
C GLY A 491 -12.14 -5.69 11.00
N SER A 492 -13.25 -5.02 10.67
CA SER A 492 -13.50 -4.46 9.34
C SER A 492 -13.81 -2.98 9.46
N SER A 493 -13.43 -2.25 8.42
CA SER A 493 -13.84 -0.81 8.36
C SER A 493 -15.35 -0.64 8.31
N TYR A 494 -16.07 -1.66 7.89
CA TYR A 494 -17.56 -1.60 7.87
C TYR A 494 -18.16 -1.82 9.27
N ALA A 495 -17.33 -2.23 10.21
CA ALA A 495 -17.76 -2.62 11.56
C ALA A 495 -16.91 -1.85 12.58
N LEU A 496 -16.13 -2.53 13.45
CA LEU A 496 -15.46 -1.84 14.52
C LEU A 496 -14.01 -2.35 14.61
N PRO A 497 -13.10 -1.75 13.83
CA PRO A 497 -11.67 -2.09 13.94
C PRO A 497 -11.18 -1.95 15.34
N TRP A 498 -10.33 -2.96 15.73
CA TRP A 498 -9.70 -3.06 17.05
C TRP A 498 -10.63 -3.48 18.14
N ILE A 499 -11.91 -3.33 18.01
CA ILE A 499 -12.88 -3.57 19.06
C ILE A 499 -13.57 -4.90 18.87
N LYS A 500 -14.05 -5.15 17.67
CA LYS A 500 -14.69 -6.40 17.25
C LYS A 500 -13.81 -7.13 16.29
N ILE A 501 -13.15 -8.18 16.79
CA ILE A 501 -12.25 -8.95 15.98
C ILE A 501 -12.95 -10.07 15.21
N ASN A 502 -12.26 -10.73 14.30
CA ASN A 502 -12.82 -11.82 13.52
C ASN A 502 -14.04 -11.34 12.76
N ALA A 503 -13.89 -10.24 12.01
CA ALA A 503 -14.95 -9.85 11.10
C ALA A 503 -15.13 -10.85 9.98
N TYR A 504 -14.05 -11.53 9.57
CA TYR A 504 -14.11 -12.54 8.53
C TYR A 504 -15.02 -13.68 8.95
N ASP A 505 -15.99 -13.99 8.10
CA ASP A 505 -16.99 -15.02 8.41
C ASP A 505 -17.21 -16.01 7.28
N TRP A 506 -16.44 -15.90 6.20
CA TRP A 506 -16.62 -16.80 5.08
C TRP A 506 -16.22 -18.21 5.51
N GLN A 507 -15.21 -18.31 6.38
CA GLN A 507 -14.81 -19.54 7.07
C GLN A 507 -14.66 -19.33 8.58
N ASN A 508 -14.44 -20.40 9.35
CA ASN A 508 -14.25 -20.31 10.81
C ASN A 508 -12.76 -20.32 11.20
N PRO A 509 -12.20 -19.15 11.54
CA PRO A 509 -10.74 -19.10 11.81
C PRO A 509 -10.33 -19.69 13.14
N ASN A 510 -11.31 -19.97 14.04
CA ASN A 510 -10.97 -20.57 15.32
C ASN A 510 -10.49 -22.00 15.19
N ILE A 511 -10.65 -22.64 14.02
CA ILE A 511 -10.11 -23.96 13.79
C ILE A 511 -8.92 -23.95 12.82
N TRP A 512 -8.47 -22.75 12.42
CA TRP A 512 -7.32 -22.72 11.54
C TRP A 512 -6.06 -23.24 12.24
N LYS A 513 -5.24 -23.90 11.46
CA LYS A 513 -4.04 -24.55 11.93
C LYS A 513 -2.74 -23.77 11.73
N ASP A 514 -2.84 -22.65 10.99
CA ASP A 514 -1.69 -21.79 10.74
C ASP A 514 -1.63 -20.53 11.61
N LEU A 515 -2.78 -20.01 12.05
CA LEU A 515 -2.79 -18.67 12.68
C LEU A 515 -1.92 -18.65 13.95
N ASN A 516 -2.09 -19.67 14.83
CA ASN A 516 -1.37 -19.67 16.11
C ASN A 516 0.15 -19.84 15.95
N SER A 517 0.56 -20.63 14.98
CA SER A 517 2.00 -20.82 14.69
CA SER A 517 2.00 -20.81 14.73
C SER A 517 2.58 -19.57 14.06
N LYS A 518 1.83 -18.99 13.10
CA LYS A 518 2.28 -17.71 12.42
C LYS A 518 2.43 -16.60 13.40
N TYR A 519 1.48 -16.56 14.38
CA TYR A 519 1.54 -15.54 15.39
C TYR A 519 2.89 -15.59 16.14
N VAL A 520 3.22 -16.81 16.64
CA VAL A 520 4.47 -17.01 17.38
C VAL A 520 5.72 -16.67 16.53
N LEU A 521 5.68 -17.10 15.27
CA LEU A 521 6.74 -16.76 14.33
C LEU A 521 6.93 -15.26 14.12
N LEU A 522 5.80 -14.55 13.98
CA LEU A 522 5.85 -13.10 13.87
C LEU A 522 6.44 -12.40 15.08
N VAL A 523 6.04 -12.91 16.27
CA VAL A 523 6.60 -12.35 17.50
C VAL A 523 8.14 -12.50 17.50
N TYR A 524 8.59 -13.75 17.26
CA TYR A 524 10.04 -13.95 17.33
C TYR A 524 10.82 -13.23 16.20
N ARG A 525 10.18 -13.17 15.00
CA ARG A 525 10.73 -12.39 13.88
C ARG A 525 10.96 -10.95 14.31
N ASP A 526 9.95 -10.43 14.99
CA ASP A 526 9.97 -9.00 15.33
C ASP A 526 11.06 -8.68 16.34
N TYR A 527 11.33 -9.65 17.23
CA TYR A 527 12.52 -9.56 18.16
C TYR A 527 13.83 -9.65 17.39
N VAL A 528 13.93 -10.62 16.50
CA VAL A 528 15.22 -10.87 15.81
C VAL A 528 15.55 -9.71 14.87
N LEU A 529 14.58 -9.23 14.08
CA LEU A 529 14.81 -8.23 13.04
C LEU A 529 14.91 -6.81 13.58
N THR A 530 14.74 -6.64 14.89
CA THR A 530 15.02 -5.39 15.55
C THR A 530 16.22 -5.47 16.50
N GLY A 531 17.05 -6.48 16.33
CA GLY A 531 18.36 -6.53 16.95
C GLY A 531 18.52 -7.47 18.13
N LYS A 532 17.50 -8.30 18.42
CA LYS A 532 17.55 -9.22 19.55
C LYS A 532 17.82 -8.51 20.85
N THR A 533 17.29 -7.30 20.98
CA THR A 533 17.42 -6.53 22.23
C THR A 533 16.13 -6.28 22.99
N ASP A 534 14.97 -6.44 22.34
CA ASP A 534 13.70 -6.01 22.94
C ASP A 534 13.06 -7.12 23.78
N LYS A 535 13.71 -7.34 24.92
CA LYS A 535 13.23 -8.32 25.90
C LYS A 535 11.84 -7.96 26.45
N GLU A 536 11.57 -6.66 26.56
CA GLU A 536 10.26 -6.25 27.05
C GLU A 536 9.16 -6.71 26.09
N PHE A 537 9.41 -6.66 24.77
CA PHE A 537 8.41 -7.15 23.81
C PHE A 537 8.16 -8.66 23.93
N LEU A 538 9.26 -9.42 24.15
CA LEU A 538 9.11 -10.87 24.36
C LEU A 538 8.34 -11.15 25.68
N LYS A 539 8.61 -10.35 26.69
CA LYS A 539 7.92 -10.55 27.98
C LYS A 539 6.42 -10.21 27.85
N TYR A 540 6.12 -9.14 27.12
CA TYR A 540 4.69 -8.73 26.88
C TYR A 540 3.91 -9.86 26.23
N THR A 541 4.50 -10.48 25.23
CA THR A 541 3.83 -11.45 24.40
C THR A 541 3.99 -12.90 24.84
N TRP A 542 4.79 -13.23 25.88
CA TRP A 542 5.18 -14.63 26.15
C TRP A 542 4.00 -15.51 26.55
N LYS A 543 3.15 -14.99 27.41
CA LYS A 543 1.98 -15.76 27.80
C LYS A 543 1.12 -16.15 26.65
N SER A 544 0.90 -15.18 25.72
CA SER A 544 0.13 -15.48 24.53
C SER A 544 0.79 -16.48 23.58
N VAL A 545 2.13 -16.44 23.50
CA VAL A 545 2.86 -17.37 22.66
C VAL A 545 2.65 -18.81 23.22
N LYS A 546 2.82 -18.95 24.55
CA LYS A 546 2.65 -20.29 25.17
C LYS A 546 1.23 -20.78 25.02
N THR A 547 0.26 -19.89 25.23
CA THR A 547 -1.11 -20.30 25.09
C THR A 547 -1.43 -20.76 23.66
N ALA A 548 -0.94 -19.96 22.69
CA ALA A 548 -1.18 -20.28 21.29
C ALA A 548 -0.68 -21.67 20.90
N LEU A 549 0.55 -22.00 21.32
CA LEU A 549 1.12 -23.32 20.94
C LEU A 549 0.41 -24.44 21.71
N ASP A 550 0.05 -24.17 22.96
CA ASP A 550 -0.57 -25.22 23.78
C ASP A 550 -1.96 -25.55 23.19
N LYS A 551 -2.67 -24.50 22.74
CA LYS A 551 -3.97 -24.72 22.15
C LYS A 551 -3.89 -25.47 20.81
N LEU A 552 -2.89 -25.14 19.99
CA LEU A 552 -2.72 -25.79 18.71
C LEU A 552 -2.35 -27.27 18.91
N LYS A 553 -1.59 -27.57 19.96
CA LYS A 553 -1.21 -28.96 20.23
C LYS A 553 -2.43 -29.87 20.46
N GLU A 554 -3.50 -29.30 21.00
CA GLU A 554 -4.73 -30.06 21.24
C GLU A 554 -5.36 -30.55 19.94
N MET A 555 -4.97 -29.96 18.81
CA MET A 555 -5.51 -30.34 17.52
C MET A 555 -4.75 -31.50 16.86
N ASP A 556 -3.80 -32.08 17.58
CA ASP A 556 -3.09 -33.27 17.13
C ASP A 556 -3.93 -34.47 17.54
N LYS A 557 -4.78 -34.96 16.66
CA LYS A 557 -5.68 -36.07 17.01
C LYS A 557 -5.08 -37.47 16.84
N ASP A 558 -3.99 -37.60 16.09
CA ASP A 558 -3.42 -38.94 15.91
C ASP A 558 -2.13 -39.14 16.72
N ASN A 559 -1.82 -38.17 17.56
CA ASN A 559 -0.67 -38.22 18.45
C ASN A 559 0.70 -38.39 17.74
N ASP A 560 0.86 -37.81 16.54
CA ASP A 560 2.18 -37.72 15.87
C ASP A 560 2.96 -36.46 16.29
N GLY A 561 2.38 -35.67 17.18
CA GLY A 561 3.01 -34.46 17.67
C GLY A 561 2.74 -33.19 16.87
N ILE A 562 1.92 -33.31 15.84
CA ILE A 562 1.71 -32.22 14.89
C ILE A 562 0.19 -31.97 14.79
N PRO A 563 -0.30 -30.71 14.83
CA PRO A 563 -1.73 -30.51 14.59
C PRO A 563 -2.19 -31.11 13.24
N ASP A 564 -3.40 -31.66 13.20
N ASP A 564 -3.38 -31.71 13.24
CA ASP A 564 -3.94 -32.33 12.00
CA ASP A 564 -3.94 -32.26 12.03
C ASP A 564 -4.82 -31.39 11.24
C ASP A 564 -4.63 -31.16 11.28
N ASN A 565 -4.51 -31.16 9.96
CA ASN A 565 -5.45 -30.48 9.11
C ASN A 565 -6.65 -31.41 8.93
N GLU A 566 -7.84 -30.82 8.81
CA GLU A 566 -9.09 -31.56 8.85
C GLU A 566 -9.84 -31.82 7.53
N GLY A 567 -9.21 -31.55 6.39
CA GLY A 567 -9.83 -31.77 5.10
C GLY A 567 -10.95 -30.79 4.81
N ILE A 568 -10.91 -29.64 5.49
CA ILE A 568 -11.93 -28.61 5.39
C ILE A 568 -11.14 -27.29 5.50
N PRO A 569 -11.81 -26.13 5.28
CA PRO A 569 -11.08 -24.84 5.37
C PRO A 569 -10.39 -24.62 6.71
N ASP A 570 -9.05 -24.75 6.74
CA ASP A 570 -8.36 -24.57 7.99
C ASP A 570 -6.98 -23.93 7.92
N GLN A 571 -6.78 -23.05 6.94
CA GLN A 571 -5.55 -22.27 6.87
C GLN A 571 -5.69 -21.28 5.71
N THR A 572 -4.66 -20.47 5.48
CA THR A 572 -4.75 -19.33 4.55
C THR A 572 -5.22 -19.70 3.17
N TYR A 573 -4.88 -20.88 2.67
CA TYR A 573 -5.37 -21.37 1.36
C TYR A 573 -6.73 -21.93 1.70
N ASP A 574 -7.71 -21.04 1.82
N ASP A 574 -7.71 -21.05 1.87
CA ASP A 574 -8.93 -21.46 2.53
CA ASP A 574 -8.92 -21.46 2.56
C ASP A 574 -9.73 -22.55 1.79
C ASP A 574 -9.75 -22.52 1.79
N THR A 575 -9.66 -22.54 0.45
CA THR A 575 -10.37 -23.55 -0.33
C THR A 575 -9.52 -24.72 -0.79
N TRP A 576 -8.23 -24.71 -0.48
CA TRP A 576 -7.35 -25.80 -0.88
C TRP A 576 -7.25 -26.73 0.32
N SER A 577 -7.85 -27.90 0.21
N SER A 577 -7.93 -27.86 0.26
CA SER A 577 -8.03 -28.76 1.37
CA SER A 577 -8.04 -28.71 1.44
C SER A 577 -6.76 -29.51 1.75
C SER A 577 -6.70 -29.38 1.73
N MET A 578 -6.36 -29.36 3.00
CA MET A 578 -5.26 -30.11 3.58
C MET A 578 -5.84 -31.07 4.59
N LYS A 579 -5.24 -32.26 4.69
CA LYS A 579 -5.73 -33.31 5.57
C LYS A 579 -4.57 -34.11 6.08
N GLY A 580 -4.54 -34.32 7.40
CA GLY A 580 -3.50 -35.05 8.07
C GLY A 580 -2.40 -34.08 8.42
N THR A 581 -1.16 -34.52 8.27
CA THR A 581 -0.06 -33.58 8.40
C THR A 581 0.22 -32.94 7.07
N SER A 582 0.29 -31.61 7.03
CA SER A 582 0.59 -30.88 5.79
C SER A 582 2.02 -30.35 5.88
N ALA A 583 2.68 -30.25 4.72
CA ALA A 583 3.98 -29.60 4.68
C ALA A 583 3.88 -28.16 5.24
N TYR A 584 2.86 -27.45 4.80
CA TYR A 584 2.68 -26.04 5.12
C TYR A 584 2.46 -25.85 6.62
N CYS A 585 1.35 -26.37 7.14
CA CYS A 585 1.09 -26.20 8.57
C CYS A 585 2.08 -26.93 9.46
N GLY A 586 2.55 -28.11 9.03
CA GLY A 586 3.52 -28.88 9.79
C GLY A 586 4.83 -28.13 9.93
N SER A 587 5.31 -27.55 8.83
CA SER A 587 6.59 -26.84 8.89
C SER A 587 6.51 -25.55 9.73
N LEU A 588 5.39 -24.85 9.61
CA LEU A 588 5.16 -23.65 10.44
C LEU A 588 5.17 -24.02 11.95
N TRP A 589 4.53 -25.13 12.24
CA TRP A 589 4.49 -25.67 13.62
C TRP A 589 5.88 -25.99 14.13
N LEU A 590 6.68 -26.68 13.32
CA LEU A 590 8.05 -27.00 13.74
C LEU A 590 8.82 -25.70 14.03
N ALA A 591 8.69 -24.72 13.12
CA ALA A 591 9.44 -23.49 13.33
C ALA A 591 8.98 -22.71 14.56
N ALA A 592 7.66 -22.67 14.78
CA ALA A 592 7.08 -21.95 15.91
C ALA A 592 7.56 -22.59 17.23
N LEU A 593 7.67 -23.91 17.27
CA LEU A 593 8.21 -24.59 18.46
C LEU A 593 9.64 -24.22 18.68
N LYS A 594 10.42 -24.21 17.63
CA LYS A 594 11.81 -23.82 17.78
C LYS A 594 11.94 -22.39 18.26
N ALA A 595 11.11 -21.47 17.70
CA ALA A 595 11.12 -20.08 18.20
C ALA A 595 10.79 -19.96 19.67
N ALA A 596 9.73 -20.66 20.06
CA ALA A 596 9.29 -20.62 21.46
C ALA A 596 10.34 -21.19 22.41
N GLN A 597 11.08 -22.24 21.97
CA GLN A 597 12.20 -22.74 22.79
C GLN A 597 13.21 -21.65 23.00
N GLU A 598 13.49 -20.92 21.91
CA GLU A 598 14.45 -19.88 22.02
C GLU A 598 13.99 -18.74 22.91
N ILE A 599 12.72 -18.33 22.79
CA ILE A 599 12.21 -17.30 23.68
C ILE A 599 12.29 -17.79 25.16
N GLY A 600 11.94 -19.05 25.37
CA GLY A 600 12.03 -19.65 26.71
C GLY A 600 13.46 -19.54 27.25
N LYS A 601 14.45 -19.76 26.40
CA LYS A 601 15.86 -19.62 26.86
C LYS A 601 16.10 -18.14 27.20
N VAL A 602 15.68 -17.21 26.35
CA VAL A 602 15.92 -15.80 26.63
C VAL A 602 15.27 -15.35 27.96
N LEU A 603 14.04 -15.79 28.18
CA LEU A 603 13.27 -15.37 29.34
C LEU A 603 13.47 -16.27 30.55
N LYS A 604 14.35 -17.27 30.43
CA LYS A 604 14.69 -18.20 31.51
C LYS A 604 13.44 -18.90 32.02
N ASP A 605 12.61 -19.38 31.08
CA ASP A 605 11.43 -20.18 31.39
C ASP A 605 11.76 -21.60 31.07
N ASN A 606 12.36 -22.26 32.09
CA ASN A 606 12.84 -23.64 31.87
C ASN A 606 11.80 -24.65 31.45
N GLU A 607 10.67 -24.60 32.11
CA GLU A 607 9.67 -25.59 31.84
C GLU A 607 9.15 -25.47 30.41
N ALA A 608 9.00 -24.24 29.92
CA ALA A 608 8.60 -24.01 28.50
C ALA A 608 9.67 -24.48 27.53
N TYR A 609 10.92 -24.13 27.82
CA TYR A 609 12.01 -24.60 26.98
C TYR A 609 11.98 -26.13 26.85
N ILE A 610 11.86 -26.77 28.02
N ILE A 610 11.89 -26.90 27.94
CA ILE A 610 11.88 -28.20 28.13
CA ILE A 610 11.92 -28.36 27.74
C ILE A 610 10.76 -28.83 27.24
C ILE A 610 10.69 -28.89 27.07
N LYS A 611 9.53 -28.34 27.44
CA LYS A 611 8.35 -28.90 26.84
C LYS A 611 8.37 -28.67 25.31
N TYR A 612 8.62 -27.43 24.84
CA TYR A 612 8.61 -27.16 23.41
C TYR A 612 9.78 -27.87 22.70
N ASN A 613 10.89 -28.10 23.40
CA ASN A 613 11.94 -28.94 22.82
C ASN A 613 11.49 -30.39 22.63
N GLU A 614 10.81 -30.94 23.62
CA GLU A 614 10.29 -32.30 23.47
C GLU A 614 9.27 -32.41 22.35
N TRP A 615 8.35 -31.45 22.32
CA TRP A 615 7.35 -31.47 21.25
C TRP A 615 8.01 -31.34 19.88
N TYR A 616 9.02 -30.48 19.81
CA TYR A 616 9.76 -30.25 18.54
C TYR A 616 10.46 -31.51 18.01
N LYS A 617 11.13 -32.21 18.91
CA LYS A 617 11.92 -33.37 18.50
C LYS A 617 11.01 -34.48 17.92
N ILE A 618 9.87 -34.71 18.58
CA ILE A 618 8.90 -35.71 18.14
C ILE A 618 8.29 -35.30 16.80
N ALA A 619 7.85 -34.07 16.75
CA ALA A 619 7.19 -33.56 15.54
C ALA A 619 8.12 -33.51 14.34
N GLN A 620 9.38 -33.13 14.58
CA GLN A 620 10.36 -33.06 13.51
C GLN A 620 10.61 -34.44 12.88
N GLN A 621 10.79 -35.42 13.74
CA GLN A 621 11.01 -36.78 13.29
C GLN A 621 9.83 -37.29 12.50
N ASN A 622 8.63 -37.08 13.01
CA ASN A 622 7.45 -37.54 12.29
C ASN A 622 7.16 -36.76 11.01
N PHE A 623 7.38 -35.45 10.98
CA PHE A 623 7.17 -34.65 9.77
C PHE A 623 8.03 -35.22 8.62
N GLU A 624 9.28 -35.49 8.95
CA GLU A 624 10.21 -35.96 7.95
C GLU A 624 9.78 -37.34 7.48
N LYS A 625 9.46 -38.24 8.41
CA LYS A 625 9.02 -39.58 8.01
C LYS A 625 7.75 -39.55 7.15
N GLU A 626 6.79 -38.71 7.55
CA GLU A 626 5.50 -38.68 6.89
C GLU A 626 5.52 -38.05 5.51
N LEU A 627 6.39 -37.05 5.30
CA LEU A 627 6.31 -36.21 4.09
C LEU A 627 7.49 -36.22 3.13
N TRP A 628 8.69 -36.57 3.61
CA TRP A 628 9.85 -36.54 2.71
C TRP A 628 9.77 -37.68 1.70
N ASN A 629 9.77 -37.38 0.40
CA ASN A 629 9.60 -38.43 -0.62
C ASN A 629 10.86 -38.73 -1.44
N GLY A 630 11.98 -38.08 -1.12
CA GLY A 630 13.24 -38.26 -1.83
C GLY A 630 13.58 -37.10 -2.74
N GLU A 631 12.56 -36.36 -3.19
CA GLU A 631 12.68 -35.18 -4.04
C GLU A 631 12.14 -33.88 -3.44
N TYR A 632 11.07 -33.99 -2.66
CA TYR A 632 10.39 -32.82 -2.10
C TYR A 632 9.55 -33.32 -0.93
N TYR A 633 8.85 -32.38 -0.25
CA TYR A 633 7.94 -32.75 0.82
C TYR A 633 6.56 -32.81 0.21
N ASN A 634 5.88 -33.93 0.44
CA ASN A 634 4.48 -34.06 -0.02
C ASN A 634 3.59 -32.98 0.56
N PHE A 635 2.57 -32.62 -0.19
CA PHE A 635 1.64 -31.58 0.22
C PHE A 635 0.99 -31.91 1.58
N ASP A 636 0.54 -33.15 1.73
CA ASP A 636 0.01 -33.63 3.02
C ASP A 636 0.04 -35.14 3.04
N THR A 637 -0.54 -35.73 4.09
CA THR A 637 -0.51 -37.19 4.25
C THR A 637 -1.79 -37.92 3.81
N GLU A 638 -2.92 -37.21 3.68
CA GLU A 638 -4.24 -37.88 3.48
C GLU A 638 -5.09 -37.42 2.29
N SER A 639 -4.78 -36.30 1.65
CA SER A 639 -5.59 -35.79 0.53
C SER A 639 -5.38 -36.65 -0.71
N ASP A 640 -6.35 -36.62 -1.62
CA ASP A 640 -6.16 -37.25 -2.93
C ASP A 640 -4.96 -36.64 -3.66
N HIS A 641 -4.78 -35.34 -3.47
CA HIS A 641 -3.65 -34.57 -4.04
C HIS A 641 -2.40 -34.52 -3.13
N LYS A 642 -2.20 -35.54 -2.29
CA LYS A 642 -1.11 -35.51 -1.30
C LYS A 642 0.30 -35.34 -1.89
N ASP A 643 0.50 -35.81 -3.11
CA ASP A 643 1.82 -35.72 -3.78
C ASP A 643 2.00 -34.43 -4.63
N SER A 644 1.09 -33.49 -4.55
CA SER A 644 1.33 -32.22 -5.21
C SER A 644 2.57 -31.55 -4.65
N ILE A 645 3.28 -30.86 -5.52
CA ILE A 645 4.39 -30.04 -5.18
C ILE A 645 3.86 -28.67 -4.87
N MET A 646 3.94 -28.26 -3.60
CA MET A 646 3.38 -26.95 -3.19
C MET A 646 4.49 -25.90 -3.12
N ALA A 647 4.25 -24.73 -3.68
CA ALA A 647 5.27 -23.68 -3.69
C ALA A 647 5.65 -23.28 -2.27
N ASP A 648 4.68 -23.36 -1.36
CA ASP A 648 4.87 -22.91 0.03
C ASP A 648 5.13 -24.05 1.00
N GLN A 649 5.55 -25.22 0.50
CA GLN A 649 5.68 -26.38 1.33
C GLN A 649 6.63 -26.22 2.52
N LEU A 650 7.64 -25.36 2.41
N LEU A 650 7.66 -25.36 2.35
CA LEU A 650 8.60 -25.19 3.48
CA LEU A 650 8.73 -25.15 3.31
C LEU A 650 8.58 -23.82 4.09
C LEU A 650 8.57 -23.86 4.13
N ALA A 651 7.36 -23.26 4.16
CA ALA A 651 7.19 -21.97 4.83
C ALA A 651 7.83 -21.86 6.20
N GLY A 652 7.78 -22.92 7.01
CA GLY A 652 8.41 -22.81 8.32
C GLY A 652 9.92 -22.69 8.30
N GLN A 653 10.55 -23.37 7.33
CA GLN A 653 12.01 -23.26 7.22
C GLN A 653 12.43 -21.89 6.68
N TRP A 654 11.62 -21.33 5.78
CA TRP A 654 11.81 -19.95 5.33
C TRP A 654 11.87 -19.01 6.50
N TYR A 655 10.88 -19.05 7.39
CA TYR A 655 10.92 -18.16 8.51
C TYR A 655 12.06 -18.55 9.47
N ALA A 656 12.37 -19.84 9.63
CA ALA A 656 13.48 -20.24 10.46
C ALA A 656 14.81 -19.63 9.99
N ASP A 657 14.98 -19.52 8.67
CA ASP A 657 16.18 -18.84 8.15
C ASP A 657 16.24 -17.38 8.61
N ILE A 658 15.11 -16.70 8.44
CA ILE A 658 15.02 -15.27 8.79
C ILE A 658 15.27 -15.06 10.30
N LEU A 659 14.77 -16.00 11.11
CA LEU A 659 14.82 -15.91 12.54
C LEU A 659 16.12 -16.47 13.13
N ARG A 660 16.97 -16.98 12.25
CA ARG A 660 18.28 -17.54 12.61
C ARG A 660 18.11 -18.71 13.60
N LEU A 661 17.13 -19.54 13.30
CA LEU A 661 16.83 -20.72 14.11
C LEU A 661 17.47 -22.00 13.60
N GLY A 662 18.23 -21.91 12.51
CA GLY A 662 18.93 -23.07 12.00
C GLY A 662 18.10 -24.00 11.17
N ASP A 663 18.54 -25.24 11.08
CA ASP A 663 17.93 -26.21 10.21
C ASP A 663 16.81 -26.89 10.93
N ILE A 664 15.59 -26.75 10.49
N ILE A 664 15.57 -26.71 10.51
CA ILE A 664 14.50 -27.55 10.99
CA ILE A 664 14.46 -27.52 11.01
C ILE A 664 14.40 -28.81 10.18
C ILE A 664 14.20 -28.72 10.13
N LEU A 665 14.71 -28.68 8.89
CA LEU A 665 14.75 -29.81 8.01
C LEU A 665 16.16 -29.91 7.46
N PRO A 666 16.55 -31.10 6.97
CA PRO A 666 17.93 -31.22 6.47
C PRO A 666 18.22 -30.32 5.30
N LYS A 667 19.40 -29.70 5.34
CA LYS A 667 19.81 -28.79 4.26
C LYS A 667 19.65 -29.38 2.89
N ASP A 668 20.07 -30.63 2.76
CA ASP A 668 20.01 -31.30 1.44
C ASP A 668 18.58 -31.43 0.93
N HIS A 669 17.67 -31.72 1.85
CA HIS A 669 16.27 -31.90 1.52
C HIS A 669 15.63 -30.54 1.18
N VAL A 670 15.98 -29.48 1.90
CA VAL A 670 15.50 -28.12 1.58
C VAL A 670 15.95 -27.72 0.15
N GLN A 671 17.22 -28.01 -0.14
CA GLN A 671 17.78 -27.61 -1.43
C GLN A 671 17.07 -28.38 -2.57
N LYS A 672 16.88 -29.68 -2.38
CA LYS A 672 16.17 -30.51 -3.36
C LYS A 672 14.76 -29.99 -3.59
N ALA A 673 14.07 -29.66 -2.50
CA ALA A 673 12.69 -29.20 -2.57
C ALA A 673 12.61 -27.86 -3.32
N LEU A 674 13.50 -26.93 -2.97
CA LEU A 674 13.52 -25.63 -3.66
C LEU A 674 13.84 -25.78 -5.14
N LYS A 675 14.76 -26.67 -5.49
CA LYS A 675 15.08 -26.88 -6.91
C LYS A 675 13.91 -27.51 -7.64
N LYS A 676 13.16 -28.39 -6.97
CA LYS A 676 11.96 -29.01 -7.56
C LYS A 676 10.89 -27.93 -7.83
N ILE A 677 10.66 -27.07 -6.83
CA ILE A 677 9.67 -26.00 -6.98
C ILE A 677 10.04 -25.06 -8.15
N TYR A 678 11.34 -24.73 -8.26
CA TYR A 678 11.76 -23.91 -9.41
C TYR A 678 11.54 -24.63 -10.73
N GLU A 679 11.94 -25.91 -10.77
CA GLU A 679 11.83 -26.66 -12.00
C GLU A 679 10.40 -26.88 -12.45
N PHE A 680 9.50 -27.03 -11.45
CA PHE A 680 8.14 -27.40 -11.71
C PHE A 680 7.21 -26.17 -11.62
N ASN A 681 6.92 -25.74 -10.41
CA ASN A 681 5.95 -24.68 -10.18
C ASN A 681 6.29 -23.36 -10.87
N VAL A 682 7.57 -23.06 -11.04
CA VAL A 682 7.98 -21.90 -11.81
C VAL A 682 8.15 -22.25 -13.30
N MET A 683 9.13 -23.11 -13.62
CA MET A 683 9.54 -23.21 -15.02
C MET A 683 8.59 -23.96 -15.90
N LYS A 684 7.74 -24.81 -15.33
CA LYS A 684 6.69 -25.46 -16.11
C LYS A 684 5.37 -24.70 -16.16
N PHE A 685 5.34 -23.53 -15.53
CA PHE A 685 4.18 -22.67 -15.56
C PHE A 685 4.45 -21.45 -16.44
N GLU A 686 3.94 -21.54 -17.65
CA GLU A 686 4.13 -20.45 -18.62
C GLU A 686 5.62 -20.04 -18.72
N ASN A 687 6.50 -21.04 -18.79
CA ASN A 687 7.94 -20.82 -19.00
C ASN A 687 8.59 -19.92 -17.95
N GLY A 688 8.08 -19.96 -16.72
CA GLY A 688 8.70 -19.25 -15.61
C GLY A 688 8.54 -17.73 -15.71
N LYS A 689 7.57 -17.24 -16.50
CA LYS A 689 7.40 -15.80 -16.71
C LYS A 689 6.33 -15.17 -15.86
N MET A 690 5.71 -15.91 -14.95
CA MET A 690 4.54 -15.40 -14.24
C MET A 690 4.53 -15.75 -12.76
N GLY A 691 5.65 -16.17 -12.18
CA GLY A 691 5.68 -16.56 -10.80
C GLY A 691 5.61 -18.05 -10.57
N ALA A 692 5.35 -18.44 -9.33
CA ALA A 692 5.28 -19.83 -8.94
C ALA A 692 3.81 -20.20 -8.77
N VAL A 693 3.32 -21.13 -9.59
CA VAL A 693 1.96 -21.59 -9.40
C VAL A 693 1.93 -22.36 -8.07
N ASN A 694 0.81 -22.32 -7.35
CA ASN A 694 0.80 -22.91 -6.01
C ASN A 694 0.97 -24.43 -5.96
N GLY A 695 0.29 -25.17 -6.84
CA GLY A 695 0.38 -26.63 -6.81
C GLY A 695 0.63 -27.23 -8.18
N MET A 696 1.64 -28.10 -8.25
CA MET A 696 1.90 -28.82 -9.46
C MET A 696 1.98 -30.29 -9.15
N ARG A 697 1.37 -31.11 -10.01
N ARG A 697 1.34 -31.10 -10.00
CA ARG A 697 1.48 -32.55 -9.85
CA ARG A 697 1.46 -32.54 -9.87
C ARG A 697 2.82 -33.07 -10.35
C ARG A 697 2.90 -32.98 -10.22
N PRO A 698 3.32 -34.18 -9.79
CA PRO A 698 4.66 -34.63 -10.17
C PRO A 698 4.87 -34.94 -11.68
N ASP A 699 3.80 -35.07 -12.44
CA ASP A 699 3.86 -35.21 -13.88
C ASP A 699 4.02 -33.88 -14.62
N GLY A 700 4.17 -32.76 -13.89
CA GLY A 700 4.42 -31.47 -14.52
C GLY A 700 3.18 -30.71 -14.98
N ILE A 701 2.01 -31.16 -14.57
CA ILE A 701 0.71 -30.55 -14.90
C ILE A 701 0.20 -29.83 -13.66
N VAL A 702 -0.32 -28.61 -13.81
CA VAL A 702 -0.83 -27.87 -12.68
C VAL A 702 -1.94 -28.68 -11.98
N ASP A 703 -1.89 -28.70 -10.65
CA ASP A 703 -2.88 -29.33 -9.79
C ASP A 703 -4.23 -28.65 -9.89
N GLU A 704 -5.25 -29.43 -10.26
CA GLU A 704 -6.62 -28.91 -10.48
C GLU A 704 -7.58 -29.24 -9.34
N SER A 705 -7.04 -29.63 -8.17
CA SER A 705 -7.88 -29.98 -7.01
C SER A 705 -8.68 -28.79 -6.47
N ASP A 706 -8.18 -27.58 -6.69
CA ASP A 706 -8.86 -26.37 -6.26
C ASP A 706 -8.33 -25.21 -7.06
N ILE A 707 -9.15 -24.19 -7.21
CA ILE A 707 -8.69 -22.96 -7.86
C ILE A 707 -7.41 -22.38 -7.28
N GLN A 708 -7.26 -22.44 -5.96
CA GLN A 708 -6.08 -21.86 -5.36
C GLN A 708 -4.79 -22.57 -5.77
N ALA A 709 -4.88 -23.86 -6.05
CA ALA A 709 -3.73 -24.65 -6.53
C ALA A 709 -3.26 -24.17 -7.89
N GLN A 710 -4.19 -23.61 -8.68
CA GLN A 710 -3.93 -23.15 -10.06
C GLN A 710 -3.59 -21.68 -10.13
N GLU A 711 -3.56 -21.03 -8.98
CA GLU A 711 -3.16 -19.64 -8.88
C GLU A 711 -1.68 -19.48 -8.53
N VAL A 712 -1.09 -18.39 -9.07
CA VAL A 712 0.12 -17.80 -8.52
C VAL A 712 -0.33 -16.83 -7.44
N TRP A 713 0.25 -16.93 -6.24
CA TRP A 713 0.07 -15.89 -5.18
C TRP A 713 1.30 -15.01 -5.17
N THR A 714 1.11 -13.75 -5.52
CA THR A 714 2.21 -12.85 -5.62
C THR A 714 3.10 -12.82 -4.36
N GLY A 715 2.45 -12.77 -3.17
CA GLY A 715 3.22 -12.69 -1.96
C GLY A 715 3.90 -14.01 -1.57
N VAL A 716 3.31 -15.13 -1.96
CA VAL A 716 3.94 -16.43 -1.78
C VAL A 716 5.19 -16.49 -2.70
N THR A 717 5.04 -16.03 -3.92
CA THR A 717 6.14 -16.10 -4.85
C THR A 717 7.31 -15.20 -4.43
N TYR A 718 7.06 -13.99 -3.96
CA TYR A 718 8.16 -13.17 -3.46
C TYR A 718 8.81 -13.78 -2.23
N ALA A 719 8.01 -14.41 -1.34
CA ALA A 719 8.56 -15.10 -0.18
C ALA A 719 9.46 -16.25 -0.63
N LEU A 720 8.98 -17.03 -1.59
CA LEU A 720 9.76 -18.11 -2.15
C LEU A 720 11.10 -17.63 -2.73
N ALA A 721 11.02 -16.51 -3.46
CA ALA A 721 12.23 -15.91 -3.97
C ALA A 721 13.19 -15.51 -2.84
N SER A 722 12.74 -14.89 -1.76
N SER A 722 12.65 -14.93 -1.77
CA SER A 722 13.70 -14.63 -0.69
CA SER A 722 13.41 -14.65 -0.56
C SER A 722 14.29 -15.94 -0.12
C SER A 722 14.17 -15.86 -0.04
N PHE A 723 13.45 -16.97 0.05
CA PHE A 723 14.00 -18.27 0.59
C PHE A 723 15.06 -18.81 -0.34
N MET A 724 14.82 -18.83 -1.63
CA MET A 724 15.83 -19.22 -2.59
C MET A 724 17.09 -18.38 -2.43
N LYS A 725 16.95 -17.06 -2.32
CA LYS A 725 18.11 -16.19 -2.14
C LYS A 725 18.93 -16.54 -0.90
N TYR A 726 18.28 -16.76 0.22
N TYR A 726 18.24 -16.70 0.24
CA TYR A 726 18.99 -17.09 1.42
CA TYR A 726 18.87 -17.18 1.50
C TYR A 726 19.69 -18.47 1.34
C TYR A 726 19.75 -18.40 1.22
N ARG A 727 19.19 -19.35 0.48
CA ARG A 727 19.77 -20.64 0.25
C ARG A 727 20.76 -20.68 -0.90
N GLY A 728 21.18 -19.50 -1.37
CA GLY A 728 22.22 -19.42 -2.38
C GLY A 728 21.75 -19.68 -3.79
N MET A 729 20.44 -19.83 -4.00
CA MET A 729 19.88 -20.05 -5.31
C MET A 729 19.56 -18.68 -5.94
N THR A 730 20.61 -17.92 -6.22
CA THR A 730 20.45 -16.55 -6.58
C THR A 730 19.70 -16.35 -7.89
N GLU A 731 20.14 -17.07 -8.92
CA GLU A 731 19.52 -16.98 -10.21
C GLU A 731 18.03 -17.39 -10.13
N GLU A 732 17.78 -18.49 -9.48
CA GLU A 732 16.38 -18.98 -9.36
C GLU A 732 15.51 -17.98 -8.60
N ALA A 733 16.11 -17.37 -7.58
CA ALA A 733 15.37 -16.41 -6.75
C ALA A 733 14.89 -15.23 -7.57
N TYR A 734 15.82 -14.60 -8.30
CA TYR A 734 15.43 -13.44 -9.10
C TYR A 734 14.61 -13.81 -10.31
N ASN A 735 14.86 -14.97 -10.92
CA ASN A 735 13.98 -15.40 -12.03
C ASN A 735 12.55 -15.61 -11.54
N THR A 736 12.44 -16.17 -10.34
CA THR A 736 11.14 -16.45 -9.75
C THR A 736 10.38 -15.13 -9.51
N ALA A 737 11.06 -14.20 -8.84
CA ALA A 737 10.47 -12.88 -8.59
C ALA A 737 10.21 -12.08 -9.86
N TYR A 738 11.03 -12.24 -10.89
CA TYR A 738 10.92 -11.42 -12.09
C TYR A 738 9.54 -11.57 -12.74
N GLY A 739 8.99 -12.77 -12.76
CA GLY A 739 7.67 -12.97 -13.34
C GLY A 739 6.56 -12.15 -12.66
N VAL A 740 6.69 -12.00 -11.33
CA VAL A 740 5.73 -11.16 -10.61
C VAL A 740 5.92 -9.70 -11.01
N TYR A 741 7.16 -9.23 -11.03
CA TYR A 741 7.46 -7.89 -11.55
C TYR A 741 6.90 -7.70 -12.93
N LYS A 742 7.13 -8.65 -13.83
CA LYS A 742 6.77 -8.48 -15.23
C LYS A 742 5.26 -8.32 -15.36
N MET A 743 4.54 -9.24 -14.71
CA MET A 743 3.08 -9.23 -14.73
C MET A 743 2.53 -7.94 -14.18
N THR A 744 3.16 -7.40 -13.14
CA THR A 744 2.66 -6.23 -12.46
C THR A 744 2.93 -4.92 -13.26
N TYR A 745 4.16 -4.80 -13.74
CA TYR A 745 4.68 -3.53 -14.22
C TYR A 745 5.02 -3.41 -15.68
N ASP A 746 5.34 -4.52 -16.34
CA ASP A 746 5.89 -4.44 -17.69
C ASP A 746 4.81 -4.31 -18.76
N LYS A 747 5.26 -3.81 -19.89
N LYS A 747 5.18 -3.79 -19.92
CA LYS A 747 4.46 -3.71 -21.10
CA LYS A 747 4.21 -3.73 -21.02
C LYS A 747 3.81 -5.03 -21.53
C LYS A 747 3.64 -5.11 -21.37
N SER A 748 4.44 -6.17 -21.20
CA SER A 748 3.99 -7.50 -21.54
C SER A 748 3.12 -8.13 -20.46
N GLY A 749 2.95 -7.44 -19.33
CA GLY A 749 2.13 -7.90 -18.22
C GLY A 749 0.67 -7.55 -18.35
N LYS A 750 -0.02 -7.47 -17.21
CA LYS A 750 -1.45 -7.34 -17.17
C LYS A 750 -1.94 -6.04 -16.54
N GLY A 751 -1.05 -5.09 -16.28
CA GLY A 751 -1.50 -3.78 -15.89
C GLY A 751 -1.94 -3.62 -14.45
N TYR A 752 -1.13 -4.17 -13.54
CA TYR A 752 -1.50 -4.19 -12.09
C TYR A 752 -0.70 -3.25 -11.23
N TRP A 753 0.06 -2.35 -11.84
CA TRP A 753 0.80 -1.35 -11.11
C TRP A 753 -0.04 -0.58 -10.11
N PHE A 754 0.43 -0.43 -8.88
CA PHE A 754 -0.27 0.23 -7.82
C PHE A 754 -1.59 -0.41 -7.46
N ARG A 755 -1.72 -1.70 -7.76
CA ARG A 755 -2.86 -2.49 -7.31
C ARG A 755 -2.55 -3.97 -7.33
N THR A 756 -1.31 -4.33 -6.91
CA THR A 756 -0.85 -5.71 -7.05
C THR A 756 -1.85 -6.65 -6.41
N PRO A 757 -2.28 -7.68 -7.11
CA PRO A 757 -3.32 -8.54 -6.59
C PRO A 757 -2.77 -9.68 -5.73
N GLU A 758 -3.66 -10.32 -5.00
CA GLU A 758 -3.32 -11.61 -4.35
C GLU A 758 -2.79 -12.56 -5.41
N ALA A 759 -3.57 -12.78 -6.48
CA ALA A 759 -3.37 -13.94 -7.32
C ALA A 759 -3.64 -13.68 -8.77
N TRP A 760 -3.05 -14.49 -9.63
CA TRP A 760 -3.49 -14.60 -11.02
C TRP A 760 -3.45 -16.05 -11.45
N THR A 761 -4.24 -16.36 -12.45
CA THR A 761 -4.22 -17.64 -13.13
C THR A 761 -3.34 -17.59 -14.40
N LYS A 762 -3.18 -18.70 -15.10
N LYS A 762 -3.21 -18.73 -15.06
CA LYS A 762 -2.25 -18.75 -16.25
CA LYS A 762 -2.39 -18.90 -16.27
C LYS A 762 -2.62 -17.79 -17.40
C LYS A 762 -2.64 -17.83 -17.35
N ASP A 763 -3.90 -17.46 -17.50
CA ASP A 763 -4.33 -16.44 -18.45
C ASP A 763 -4.02 -15.02 -18.04
N GLY A 764 -3.48 -14.86 -16.82
CA GLY A 764 -3.09 -13.56 -16.34
C GLY A 764 -4.18 -12.73 -15.65
N ASN A 765 -5.41 -13.22 -15.67
CA ASN A 765 -6.49 -12.56 -14.97
C ASN A 765 -6.35 -12.78 -13.48
N TYR A 766 -6.94 -11.88 -12.69
CA TYR A 766 -6.54 -11.74 -11.27
C TYR A 766 -7.66 -12.01 -10.27
N ARG A 767 -7.25 -12.14 -9.02
CA ARG A 767 -8.17 -12.10 -7.90
C ARG A 767 -7.62 -11.17 -6.81
N ALA A 768 -8.46 -10.21 -6.39
CA ALA A 768 -8.22 -9.31 -5.25
C ALA A 768 -7.07 -8.38 -5.46
N SER A 769 -7.32 -7.35 -6.29
CA SER A 769 -6.36 -6.25 -6.49
C SER A 769 -6.14 -5.48 -5.18
N MET A 770 -5.03 -4.75 -5.08
CA MET A 770 -4.69 -3.92 -3.94
C MET A 770 -4.57 -4.79 -2.68
N TYR A 771 -3.57 -5.68 -2.71
CA TYR A 771 -3.45 -6.79 -1.72
C TYR A 771 -2.20 -6.62 -0.85
N MET A 772 -2.35 -7.03 0.43
CA MET A 772 -1.25 -6.90 1.39
C MET A 772 -0.09 -7.89 1.19
N ARG A 773 -0.44 -9.10 0.77
CA ARG A 773 0.59 -10.21 0.75
C ARG A 773 1.85 -9.87 -0.05
N PRO A 774 1.78 -9.25 -1.25
CA PRO A 774 3.02 -8.97 -2.01
C PRO A 774 3.99 -7.98 -1.40
N LEU A 775 3.64 -7.32 -0.30
CA LEU A 775 4.63 -6.59 0.47
C LEU A 775 5.77 -7.50 0.99
N SER A 776 5.54 -8.82 0.90
CA SER A 776 6.58 -9.80 1.20
C SER A 776 7.81 -9.65 0.36
N ILE A 777 7.80 -8.89 -0.74
CA ILE A 777 9.02 -8.65 -1.49
C ILE A 777 10.13 -8.13 -0.57
N TRP A 778 9.78 -7.39 0.47
CA TRP A 778 10.79 -6.86 1.37
C TRP A 778 11.55 -7.95 2.17
N SER A 779 11.00 -9.18 2.24
CA SER A 779 11.79 -10.29 2.77
C SER A 779 13.00 -10.58 1.94
N MET A 780 13.08 -10.11 0.69
CA MET A 780 14.29 -10.29 -0.09
C MET A 780 15.40 -9.35 0.34
N GLU A 781 15.11 -8.35 1.18
CA GLU A 781 16.15 -7.42 1.72
C GLU A 781 16.65 -7.76 3.14
N VAL A 782 16.20 -8.85 3.69
CA VAL A 782 16.69 -9.33 4.99
C VAL A 782 18.20 -9.63 4.97
#